data_1KEU
#
_entry.id   1KEU
#
_cell.length_a   171.859
_cell.length_b   171.859
_cell.length_c   94.287
_cell.angle_alpha   90.00
_cell.angle_beta   90.00
_cell.angle_gamma   120.00
#
_symmetry.space_group_name_H-M   'P 61'
#
loop_
_entity.id
_entity.type
_entity.pdbx_description
1 polymer 'dTDP-D-glucose 4,6-dehydratase'
2 non-polymer "2'DEOXY-THYMIDINE-5'-DIPHOSPHO-ALPHA-D-GLUCOSE"
3 non-polymer NICOTINAMIDE-ADENINE-DINUCLEOTIDE
4 water water
#
_entity_poly.entity_id   1
_entity_poly.type   'polypeptide(L)'
_entity_poly.pdbx_seq_one_letter_code
;MKILITGGAGFIGSAVVRHIIKNTQDTVVNIDKLTYAGNLESLSDISESNRYNFEHADICDSAEITRIFEQYQPDAVMHL
AAESHVDRSITGPAAFIETNIVGTYALLEVARKYWSALGEDKKNNFRFHHISTDEVYGDLPHPDEVENSVTLPLFTETTA
YAPSSPYSASKASSDHLVRAWRRTYGLPTIVTNCSNNYGPYHFPEKLIPLVILNALEGKPLPIYGKGDQIRDWLYVEDHA
RALHMVVTEGKAGETYNIGGHNEKKNLDVVFTICDLLDEIVPKATSYREQITYVADRPGHDRRYAIDAGKISRELGWKPL
ETFESGIRKTVEWYLANTQWVNNVKSGAYQSWIEQNYEGRQ
;
_entity_poly.pdbx_strand_id   A,B
#
loop_
_chem_comp.id
_chem_comp.type
_chem_comp.name
_chem_comp.formula
DAU non-polymer 2'DEOXY-THYMIDINE-5'-DIPHOSPHO-ALPHA-D-GLUCOSE 'C16 H26 N2 O16 P2'
NAD non-polymer NICOTINAMIDE-ADENINE-DINUCLEOTIDE 'C21 H27 N7 O14 P2'
#
# COMPACT_ATOMS: atom_id res chain seq x y z
N MET A 1 -24.55 -15.77 15.12
CA MET A 1 -23.25 -15.03 15.16
C MET A 1 -23.51 -13.53 15.04
N LYS A 2 -22.78 -12.74 15.82
CA LYS A 2 -22.91 -11.29 15.79
C LYS A 2 -21.86 -10.74 14.84
N ILE A 3 -22.29 -10.05 13.78
CA ILE A 3 -21.36 -9.51 12.79
C ILE A 3 -21.32 -7.98 12.76
N LEU A 4 -20.13 -7.42 12.91
CA LEU A 4 -19.97 -5.97 12.85
C LEU A 4 -19.59 -5.64 11.41
N ILE A 5 -20.39 -4.79 10.76
CA ILE A 5 -20.17 -4.42 9.37
C ILE A 5 -19.96 -2.93 9.16
N THR A 6 -18.89 -2.57 8.46
CA THR A 6 -18.62 -1.17 8.15
C THR A 6 -19.12 -0.90 6.73
N GLY A 7 -19.68 0.29 6.52
CA GLY A 7 -20.17 0.67 5.21
C GLY A 7 -21.43 -0.06 4.77
N GLY A 8 -22.25 -0.47 5.75
CA GLY A 8 -23.47 -1.18 5.45
C GLY A 8 -24.58 -0.37 4.81
N ALA A 9 -24.41 0.94 4.71
CA ALA A 9 -25.44 1.79 4.10
C ALA A 9 -25.13 2.10 2.62
N GLY A 10 -24.08 1.47 2.09
CA GLY A 10 -23.69 1.68 0.71
C GLY A 10 -24.24 0.63 -0.25
N PHE A 11 -23.77 0.67 -1.49
CA PHE A 11 -24.21 -0.26 -2.53
C PHE A 11 -24.07 -1.73 -2.17
N ILE A 12 -22.83 -2.21 -2.07
CA ILE A 12 -22.57 -3.61 -1.74
C ILE A 12 -22.89 -3.91 -0.29
N GLY A 13 -22.56 -2.99 0.60
CA GLY A 13 -22.83 -3.18 2.02
C GLY A 13 -24.29 -3.43 2.33
N SER A 14 -25.18 -2.59 1.79
CA SER A 14 -26.62 -2.76 2.04
C SER A 14 -27.10 -4.11 1.50
N ALA A 15 -26.50 -4.61 0.43
CA ALA A 15 -26.89 -5.91 -0.11
C ALA A 15 -26.48 -6.99 0.87
N VAL A 16 -25.31 -6.81 1.51
CA VAL A 16 -24.83 -7.78 2.49
C VAL A 16 -25.76 -7.79 3.70
N VAL A 17 -26.09 -6.60 4.22
CA VAL A 17 -26.97 -6.49 5.37
C VAL A 17 -28.36 -7.10 5.10
N ARG A 18 -28.96 -6.75 3.96
CA ARG A 18 -30.28 -7.28 3.60
C ARG A 18 -30.28 -8.80 3.50
N HIS A 19 -29.21 -9.36 2.93
CA HIS A 19 -29.09 -10.81 2.77
C HIS A 19 -29.00 -11.53 4.13
N ILE A 20 -28.17 -11.00 5.02
CA ILE A 20 -27.99 -11.59 6.34
C ILE A 20 -29.27 -11.62 7.15
N ILE A 21 -30.00 -10.51 7.16
CA ILE A 21 -31.24 -10.42 7.92
C ILE A 21 -32.36 -11.27 7.36
N LYS A 22 -32.47 -11.32 6.04
CA LYS A 22 -33.53 -12.08 5.39
C LYS A 22 -33.27 -13.58 5.23
N ASN A 23 -32.01 -13.96 5.05
CA ASN A 23 -31.71 -15.37 4.82
C ASN A 23 -30.81 -16.14 5.80
N THR A 24 -30.45 -15.53 6.94
CA THR A 24 -29.60 -16.22 7.90
C THR A 24 -30.07 -15.98 9.33
N GLN A 25 -29.40 -16.63 10.29
CA GLN A 25 -29.75 -16.49 11.69
C GLN A 25 -28.78 -15.56 12.42
N ASP A 26 -27.89 -14.94 11.67
CA ASP A 26 -26.91 -14.03 12.26
C ASP A 26 -27.50 -12.64 12.53
N THR A 27 -26.82 -11.89 13.38
CA THR A 27 -27.25 -10.53 13.72
C THR A 27 -26.24 -9.53 13.18
N VAL A 28 -26.64 -8.26 13.10
CA VAL A 28 -25.75 -7.25 12.54
C VAL A 28 -25.74 -5.91 13.24
N VAL A 29 -24.54 -5.33 13.37
CA VAL A 29 -24.39 -3.99 13.91
C VAL A 29 -23.68 -3.28 12.74
N ASN A 30 -24.34 -2.28 12.19
CA ASN A 30 -23.87 -1.54 11.02
C ASN A 30 -23.26 -0.18 11.36
N ILE A 31 -21.98 -0.01 11.03
CA ILE A 31 -21.29 1.25 11.28
C ILE A 31 -21.09 1.96 9.95
N ASP A 32 -21.66 3.16 9.82
CA ASP A 32 -21.54 3.91 8.58
C ASP A 32 -21.55 5.41 8.84
N LYS A 33 -20.61 6.11 8.20
CA LYS A 33 -20.49 7.55 8.37
C LYS A 33 -21.55 8.35 7.59
N LEU A 34 -22.20 7.68 6.64
CA LEU A 34 -23.22 8.31 5.79
C LEU A 34 -22.66 9.48 4.97
N THR A 35 -21.73 9.18 4.07
CA THR A 35 -21.16 10.20 3.19
C THR A 35 -22.18 10.36 2.06
N TYR A 36 -21.78 11.01 0.97
CA TYR A 36 -22.66 11.20 -0.18
C TYR A 36 -23.17 9.85 -0.67
N ALA A 37 -22.38 8.80 -0.42
CA ALA A 37 -22.71 7.44 -0.85
C ALA A 37 -23.53 6.60 0.13
N GLY A 38 -23.62 7.04 1.38
CA GLY A 38 -24.38 6.30 2.38
C GLY A 38 -25.85 6.67 2.34
N ASN A 39 -26.73 5.67 2.37
CA ASN A 39 -28.16 5.94 2.28
C ASN A 39 -29.00 4.96 3.11
N LEU A 40 -29.60 5.45 4.20
CA LEU A 40 -30.41 4.56 5.05
C LEU A 40 -31.62 4.01 4.31
N GLU A 41 -32.10 4.72 3.30
CA GLU A 41 -33.25 4.26 2.53
C GLU A 41 -32.97 2.93 1.84
N SER A 42 -31.71 2.58 1.67
CA SER A 42 -31.35 1.32 1.03
C SER A 42 -31.54 0.15 1.99
N LEU A 43 -31.82 0.46 3.26
CA LEU A 43 -31.99 -0.57 4.29
C LEU A 43 -33.40 -0.55 4.89
N SER A 44 -34.33 0.09 4.19
CA SER A 44 -35.73 0.21 4.63
C SER A 44 -36.43 -1.10 4.96
N ASP A 45 -36.19 -2.15 4.17
CA ASP A 45 -36.83 -3.43 4.41
C ASP A 45 -36.43 -4.14 5.71
N ILE A 46 -35.31 -3.75 6.31
CA ILE A 46 -34.86 -4.43 7.51
C ILE A 46 -34.46 -3.58 8.70
N SER A 47 -34.54 -2.25 8.56
CA SER A 47 -34.16 -1.35 9.64
C SER A 47 -34.91 -1.50 10.96
N GLU A 48 -36.06 -2.19 10.93
CA GLU A 48 -36.84 -2.37 12.15
C GLU A 48 -36.56 -3.68 12.89
N SER A 49 -35.87 -4.60 12.24
CA SER A 49 -35.56 -5.88 12.85
C SER A 49 -34.79 -5.73 14.16
N ASN A 50 -35.10 -6.57 15.14
CA ASN A 50 -34.43 -6.52 16.43
C ASN A 50 -33.03 -7.13 16.31
N ARG A 51 -32.77 -7.78 15.17
CA ARG A 51 -31.46 -8.39 14.92
C ARG A 51 -30.55 -7.44 14.15
N TYR A 52 -30.95 -6.17 14.07
CA TYR A 52 -30.18 -5.15 13.37
C TYR A 52 -30.08 -3.86 14.18
N ASN A 53 -28.87 -3.29 14.22
CA ASN A 53 -28.64 -2.04 14.93
C ASN A 53 -27.75 -1.17 14.07
N PHE A 54 -27.99 0.13 14.09
CA PHE A 54 -27.21 1.07 13.30
C PHE A 54 -26.44 2.07 14.16
N GLU A 55 -25.20 2.32 13.78
CA GLU A 55 -24.36 3.28 14.49
C GLU A 55 -23.79 4.27 13.48
N HIS A 56 -24.15 5.53 13.63
CA HIS A 56 -23.67 6.57 12.75
C HIS A 56 -22.27 6.98 13.24
N ALA A 57 -21.23 6.51 12.56
CA ALA A 57 -19.86 6.82 12.97
C ALA A 57 -18.82 6.65 11.87
N ASP A 58 -17.67 7.31 12.10
CA ASP A 58 -16.52 7.30 11.19
C ASP A 58 -15.50 6.26 11.67
N ILE A 59 -15.04 5.37 10.79
CA ILE A 59 -14.07 4.36 11.19
C ILE A 59 -12.76 4.97 11.70
N CYS A 60 -12.53 6.27 11.46
CA CYS A 60 -11.31 6.92 11.92
C CYS A 60 -11.43 7.37 13.40
N ASP A 61 -12.64 7.34 13.95
CA ASP A 61 -12.90 7.75 15.33
C ASP A 61 -12.64 6.57 16.29
N SER A 62 -11.37 6.31 16.59
CA SER A 62 -10.96 5.21 17.45
C SER A 62 -11.73 5.05 18.76
N ALA A 63 -11.89 6.12 19.51
CA ALA A 63 -12.61 6.05 20.77
C ALA A 63 -14.04 5.52 20.62
N GLU A 64 -14.77 6.04 19.63
CA GLU A 64 -16.15 5.59 19.42
C GLU A 64 -16.21 4.17 18.88
N ILE A 65 -15.31 3.82 17.94
CA ILE A 65 -15.31 2.47 17.39
C ILE A 65 -14.95 1.46 18.48
N THR A 66 -14.05 1.86 19.40
CA THR A 66 -13.66 0.99 20.49
C THR A 66 -14.90 0.72 21.36
N ARG A 67 -15.63 1.79 21.68
CA ARG A 67 -16.84 1.68 22.49
C ARG A 67 -17.87 0.75 21.84
N ILE A 68 -18.00 0.84 20.53
CA ILE A 68 -18.96 0.02 19.80
C ILE A 68 -18.59 -1.46 19.85
N PHE A 69 -17.31 -1.78 19.70
CA PHE A 69 -16.86 -3.17 19.77
C PHE A 69 -17.19 -3.74 21.16
N GLU A 70 -16.90 -2.96 22.21
CA GLU A 70 -17.18 -3.43 23.57
C GLU A 70 -18.67 -3.62 23.84
N GLN A 71 -19.52 -2.78 23.26
CA GLN A 71 -20.95 -2.89 23.48
C GLN A 71 -21.61 -4.10 22.80
N TYR A 72 -21.26 -4.34 21.54
CA TYR A 72 -21.87 -5.44 20.80
C TYR A 72 -21.12 -6.77 20.81
N GLN A 73 -19.85 -6.76 21.22
CA GLN A 73 -19.05 -7.98 21.27
C GLN A 73 -19.19 -8.85 20.02
N PRO A 74 -18.80 -8.30 18.85
CA PRO A 74 -18.90 -9.05 17.60
C PRO A 74 -18.06 -10.33 17.53
N ASP A 75 -18.54 -11.29 16.75
CA ASP A 75 -17.85 -12.57 16.53
C ASP A 75 -17.02 -12.49 15.26
N ALA A 76 -17.36 -11.53 14.40
CA ALA A 76 -16.66 -11.35 13.13
C ALA A 76 -16.84 -9.92 12.64
N VAL A 77 -15.98 -9.52 11.72
CA VAL A 77 -16.03 -8.17 11.15
C VAL A 77 -15.99 -8.26 9.62
N MET A 78 -16.79 -7.43 8.96
CA MET A 78 -16.85 -7.36 7.50
C MET A 78 -16.64 -5.87 7.18
N HIS A 79 -15.43 -5.54 6.72
CA HIS A 79 -15.06 -4.17 6.42
C HIS A 79 -15.27 -3.73 4.96
N LEU A 80 -16.35 -2.99 4.71
CA LEU A 80 -16.66 -2.50 3.37
C LEU A 80 -16.59 -0.98 3.24
N ALA A 81 -16.52 -0.26 4.36
CA ALA A 81 -16.47 1.20 4.31
C ALA A 81 -15.29 1.73 3.50
N ALA A 82 -15.57 2.63 2.56
CA ALA A 82 -14.52 3.21 1.72
C ALA A 82 -15.02 4.25 0.72
N GLU A 83 -14.07 4.97 0.12
CA GLU A 83 -14.37 5.94 -0.94
C GLU A 83 -14.15 5.04 -2.17
N SER A 84 -15.16 4.87 -3.01
CA SER A 84 -15.03 3.93 -4.14
C SER A 84 -14.98 4.41 -5.59
N HIS A 85 -15.04 5.71 -5.84
CA HIS A 85 -15.04 6.16 -7.25
C HIS A 85 -13.71 6.65 -7.81
N VAL A 86 -13.19 5.91 -8.78
CA VAL A 86 -11.93 6.27 -9.43
C VAL A 86 -11.91 7.72 -9.90
N ASP A 87 -12.97 8.15 -10.59
CA ASP A 87 -13.02 9.53 -11.07
C ASP A 87 -12.92 10.56 -9.96
N ARG A 88 -13.52 10.28 -8.79
CA ARG A 88 -13.42 11.23 -7.69
C ARG A 88 -12.00 11.21 -7.13
N SER A 89 -11.35 10.05 -7.16
CA SER A 89 -9.99 9.94 -6.62
C SER A 89 -8.96 10.69 -7.46
N ILE A 90 -9.28 10.92 -8.73
CA ILE A 90 -8.36 11.62 -9.62
C ILE A 90 -8.31 13.12 -9.29
N THR A 91 -9.45 13.71 -8.94
CA THR A 91 -9.52 15.13 -8.61
C THR A 91 -9.46 15.43 -7.10
N GLY A 92 -9.82 14.46 -6.27
CA GLY A 92 -9.78 14.65 -4.83
C GLY A 92 -9.28 13.40 -4.11
N PRO A 93 -7.98 13.08 -4.25
CA PRO A 93 -7.34 11.91 -3.64
C PRO A 93 -7.22 11.89 -2.11
N ALA A 94 -7.17 13.06 -1.47
CA ALA A 94 -7.03 13.13 -0.01
C ALA A 94 -8.03 12.25 0.74
N ALA A 95 -9.30 12.30 0.35
CA ALA A 95 -10.32 11.50 1.03
C ALA A 95 -10.05 10.00 0.94
N PHE A 96 -9.45 9.56 -0.18
CA PHE A 96 -9.15 8.15 -0.37
C PHE A 96 -8.01 7.68 0.52
N ILE A 97 -7.01 8.55 0.69
CA ILE A 97 -5.87 8.24 1.54
C ILE A 97 -6.34 8.10 3.00
N GLU A 98 -7.13 9.08 3.44
CA GLU A 98 -7.66 9.12 4.78
C GLU A 98 -8.59 7.97 5.16
N THR A 99 -9.63 7.76 4.36
CA THR A 99 -10.60 6.70 4.65
C THR A 99 -10.14 5.29 4.34
N ASN A 100 -9.57 5.09 3.15
CA ASN A 100 -9.15 3.76 2.75
C ASN A 100 -7.87 3.23 3.41
N ILE A 101 -6.88 4.10 3.58
CA ILE A 101 -5.63 3.65 4.19
C ILE A 101 -5.61 3.89 5.70
N VAL A 102 -5.66 5.15 6.11
CA VAL A 102 -5.63 5.47 7.53
C VAL A 102 -6.84 4.88 8.28
N GLY A 103 -7.99 4.86 7.62
CA GLY A 103 -9.19 4.31 8.25
C GLY A 103 -9.09 2.82 8.50
N THR A 104 -8.49 2.09 7.56
CA THR A 104 -8.33 0.65 7.72
C THR A 104 -7.33 0.42 8.87
N TYR A 105 -6.29 1.24 8.91
CA TYR A 105 -5.28 1.15 9.97
C TYR A 105 -5.96 1.32 11.34
N ALA A 106 -6.78 2.36 11.47
CA ALA A 106 -7.47 2.63 12.73
C ALA A 106 -8.39 1.48 13.13
N LEU A 107 -9.07 0.90 12.16
CA LEU A 107 -9.99 -0.20 12.44
C LEU A 107 -9.20 -1.46 12.82
N LEU A 108 -8.09 -1.70 12.14
CA LEU A 108 -7.26 -2.87 12.44
C LEU A 108 -6.75 -2.82 13.88
N GLU A 109 -6.36 -1.63 14.34
CA GLU A 109 -5.86 -1.49 15.70
C GLU A 109 -6.92 -1.74 16.76
N VAL A 110 -8.14 -1.26 16.53
CA VAL A 110 -9.22 -1.48 17.48
C VAL A 110 -9.53 -2.98 17.51
N ALA A 111 -9.54 -3.61 16.35
CA ALA A 111 -9.82 -5.04 16.25
C ALA A 111 -8.73 -5.89 16.90
N ARG A 112 -7.48 -5.48 16.73
CA ARG A 112 -6.37 -6.21 17.32
C ARG A 112 -6.45 -6.22 18.86
N LYS A 113 -6.63 -5.04 19.45
CA LYS A 113 -6.73 -4.92 20.90
C LYS A 113 -7.94 -5.68 21.44
N TYR A 114 -9.04 -5.67 20.69
CA TYR A 114 -10.26 -6.35 21.09
C TYR A 114 -10.05 -7.87 21.06
N TRP A 115 -9.53 -8.36 19.93
CA TRP A 115 -9.26 -9.77 19.73
C TRP A 115 -8.26 -10.36 20.74
N SER A 116 -7.20 -9.62 21.03
CA SER A 116 -6.19 -10.10 21.98
C SER A 116 -6.72 -10.34 23.39
N ALA A 117 -7.77 -9.63 23.76
CA ALA A 117 -8.33 -9.75 25.09
C ALA A 117 -9.53 -10.69 25.21
N LEU A 118 -9.87 -11.39 24.13
CA LEU A 118 -10.99 -12.33 24.15
C LEU A 118 -10.64 -13.64 24.85
N GLY A 119 -11.68 -14.40 25.21
CA GLY A 119 -11.47 -15.69 25.86
C GLY A 119 -10.97 -16.69 24.83
N GLU A 120 -10.27 -17.73 25.29
CA GLU A 120 -9.71 -18.75 24.40
C GLU A 120 -10.63 -19.17 23.25
N ASP A 121 -11.87 -19.50 23.59
CA ASP A 121 -12.87 -19.93 22.64
C ASP A 121 -13.17 -18.89 21.54
N LYS A 122 -13.77 -17.78 21.96
CA LYS A 122 -14.14 -16.69 21.05
C LYS A 122 -12.93 -16.13 20.29
N LYS A 123 -11.75 -16.17 20.92
CA LYS A 123 -10.56 -15.65 20.28
C LYS A 123 -10.11 -16.48 19.06
N ASN A 124 -10.26 -17.80 19.17
CA ASN A 124 -9.88 -18.67 18.07
C ASN A 124 -10.87 -18.62 16.91
N ASN A 125 -12.12 -18.28 17.20
CA ASN A 125 -13.13 -18.22 16.15
C ASN A 125 -13.32 -16.84 15.51
N PHE A 126 -12.73 -15.80 16.09
CA PHE A 126 -12.86 -14.45 15.55
C PHE A 126 -12.35 -14.38 14.11
N ARG A 127 -12.97 -13.53 13.29
CA ARG A 127 -12.58 -13.37 11.90
C ARG A 127 -12.69 -11.92 11.45
N PHE A 128 -11.66 -11.41 10.79
CA PHE A 128 -11.66 -10.05 10.27
C PHE A 128 -11.63 -10.15 8.74
N HIS A 129 -12.78 -9.97 8.12
CA HIS A 129 -12.94 -10.05 6.67
C HIS A 129 -12.82 -8.68 6.00
N HIS A 130 -11.78 -8.50 5.19
CA HIS A 130 -11.53 -7.25 4.47
C HIS A 130 -12.06 -7.37 3.03
N ILE A 131 -13.04 -6.55 2.68
CA ILE A 131 -13.63 -6.57 1.33
C ILE A 131 -12.85 -5.62 0.40
N SER A 132 -12.24 -6.16 -0.64
CA SER A 132 -11.46 -5.34 -1.56
C SER A 132 -11.82 -5.49 -3.05
N THR A 133 -11.00 -4.91 -3.92
CA THR A 133 -11.25 -4.89 -5.36
C THR A 133 -10.20 -5.55 -6.26
N ASP A 134 -10.59 -5.88 -7.48
CA ASP A 134 -9.68 -6.51 -8.44
C ASP A 134 -8.69 -5.49 -9.02
N GLU A 135 -9.00 -4.20 -8.86
CA GLU A 135 -8.15 -3.16 -9.40
C GLU A 135 -6.74 -3.07 -8.81
N VAL A 136 -6.52 -3.75 -7.69
CA VAL A 136 -5.20 -3.74 -7.06
C VAL A 136 -4.20 -4.48 -7.95
N TYR A 137 -4.70 -5.33 -8.84
CA TYR A 137 -3.85 -6.12 -9.74
C TYR A 137 -3.32 -5.37 -10.96
N GLY A 138 -3.80 -4.15 -11.16
CA GLY A 138 -3.34 -3.39 -12.32
C GLY A 138 -4.18 -3.67 -13.55
N ASP A 139 -3.59 -3.50 -14.73
CA ASP A 139 -4.30 -3.72 -16.00
C ASP A 139 -3.87 -5.02 -16.66
N LEU A 140 -4.71 -5.56 -17.55
CA LEU A 140 -4.43 -6.79 -18.26
C LEU A 140 -4.33 -6.57 -19.77
N PRO A 141 -3.60 -7.43 -20.49
CA PRO A 141 -3.47 -7.30 -21.94
C PRO A 141 -4.87 -7.33 -22.57
N HIS A 142 -5.10 -6.43 -23.52
CA HIS A 142 -6.39 -6.30 -24.20
C HIS A 142 -6.43 -7.12 -25.51
N PRO A 143 -7.61 -7.63 -25.90
CA PRO A 143 -7.77 -8.43 -27.11
C PRO A 143 -7.12 -7.83 -28.36
N ASP A 144 -7.11 -6.51 -28.46
CA ASP A 144 -6.52 -5.86 -29.63
C ASP A 144 -5.01 -5.64 -29.54
N GLU A 145 -4.37 -6.27 -28.56
CA GLU A 145 -2.92 -6.13 -28.40
C GLU A 145 -2.22 -7.47 -28.60
N VAL A 146 -3.01 -8.54 -28.70
CA VAL A 146 -2.44 -9.87 -28.86
C VAL A 146 -2.96 -10.62 -30.07
N GLU A 147 -2.36 -11.78 -30.32
CA GLU A 147 -2.74 -12.64 -31.43
C GLU A 147 -4.14 -13.18 -31.18
N ASN A 148 -5.00 -13.08 -32.20
CA ASN A 148 -6.37 -13.54 -32.08
C ASN A 148 -6.49 -15.02 -31.75
N SER A 149 -5.36 -15.64 -31.41
CA SER A 149 -5.32 -17.06 -31.07
C SER A 149 -4.91 -17.28 -29.62
N VAL A 150 -3.94 -16.50 -29.15
CA VAL A 150 -3.45 -16.61 -27.79
C VAL A 150 -4.55 -16.45 -26.74
N THR A 151 -4.43 -17.18 -25.64
CA THR A 151 -5.40 -17.10 -24.56
C THR A 151 -5.04 -15.91 -23.69
N LEU A 152 -6.02 -15.03 -23.45
CA LEU A 152 -5.79 -13.85 -22.63
C LEU A 152 -5.69 -14.20 -21.15
N PRO A 153 -4.73 -13.58 -20.44
CA PRO A 153 -4.55 -13.84 -19.01
C PRO A 153 -5.70 -13.30 -18.17
N LEU A 154 -5.83 -13.84 -16.97
CA LEU A 154 -6.87 -13.44 -16.02
C LEU A 154 -6.22 -13.12 -14.67
N PHE A 155 -6.96 -12.45 -13.80
CA PHE A 155 -6.47 -12.11 -12.46
C PHE A 155 -6.62 -13.32 -11.54
N THR A 156 -5.54 -13.76 -10.90
CA THR A 156 -5.62 -14.86 -9.94
C THR A 156 -5.15 -14.33 -8.59
N GLU A 157 -5.32 -15.12 -7.53
CA GLU A 157 -4.91 -14.69 -6.21
C GLU A 157 -3.40 -14.47 -6.06
N THR A 158 -2.60 -14.96 -7.00
CA THR A 158 -1.16 -14.77 -6.93
C THR A 158 -0.63 -13.73 -7.91
N THR A 159 -1.54 -13.00 -8.58
CA THR A 159 -1.12 -11.96 -9.51
C THR A 159 -0.50 -10.82 -8.72
N ALA A 160 0.57 -10.24 -9.23
CA ALA A 160 1.25 -9.13 -8.56
C ALA A 160 0.44 -7.84 -8.56
N TYR A 161 0.52 -7.11 -7.45
CA TYR A 161 -0.19 -5.83 -7.31
C TYR A 161 0.49 -4.77 -8.17
N ALA A 162 -0.30 -3.94 -8.83
CA ALA A 162 0.21 -2.86 -9.67
C ALA A 162 -0.90 -1.85 -9.94
N PRO A 163 -1.45 -1.25 -8.87
CA PRO A 163 -2.53 -0.27 -8.96
C PRO A 163 -2.22 0.96 -9.83
N SER A 164 -3.19 1.37 -10.64
CA SER A 164 -3.04 2.51 -11.57
C SER A 164 -3.55 3.87 -11.09
N SER A 165 -4.55 3.89 -10.22
CA SER A 165 -5.12 5.15 -9.76
C SER A 165 -5.01 5.37 -8.26
N PRO A 166 -5.29 6.60 -7.80
CA PRO A 166 -5.20 6.86 -6.35
C PRO A 166 -6.16 5.92 -5.61
N TYR A 167 -7.33 5.66 -6.20
CA TYR A 167 -8.29 4.77 -5.58
C TYR A 167 -7.69 3.35 -5.43
N SER A 168 -7.27 2.73 -6.53
CA SER A 168 -6.74 1.38 -6.44
C SER A 168 -5.46 1.30 -5.61
N ALA A 169 -4.68 2.37 -5.58
CA ALA A 169 -3.46 2.39 -4.77
C ALA A 169 -3.89 2.39 -3.30
N SER A 170 -5.00 3.08 -3.02
CA SER A 170 -5.56 3.17 -1.68
C SER A 170 -5.95 1.80 -1.16
N LYS A 171 -6.67 1.06 -2.01
CA LYS A 171 -7.14 -0.27 -1.66
C LYS A 171 -6.00 -1.27 -1.57
N ALA A 172 -5.05 -1.19 -2.49
CA ALA A 172 -3.91 -2.10 -2.48
C ALA A 172 -3.18 -1.92 -1.14
N SER A 173 -3.04 -0.68 -0.71
CA SER A 173 -2.38 -0.38 0.56
C SER A 173 -3.16 -0.98 1.73
N SER A 174 -4.47 -0.81 1.73
CA SER A 174 -5.28 -1.36 2.82
C SER A 174 -5.12 -2.88 2.86
N ASP A 175 -5.01 -3.52 1.69
CA ASP A 175 -4.80 -4.97 1.64
C ASP A 175 -3.50 -5.33 2.38
N HIS A 176 -2.42 -4.63 2.07
CA HIS A 176 -1.12 -4.90 2.70
C HIS A 176 -1.17 -4.77 4.22
N LEU A 177 -1.87 -3.75 4.71
CA LEU A 177 -1.98 -3.54 6.16
C LEU A 177 -2.68 -4.72 6.83
N VAL A 178 -3.73 -5.25 6.18
CA VAL A 178 -4.48 -6.37 6.71
C VAL A 178 -3.65 -7.65 6.82
N ARG A 179 -2.86 -7.93 5.78
CA ARG A 179 -2.01 -9.12 5.79
C ARG A 179 -0.82 -8.99 6.73
N ALA A 180 -0.28 -7.78 6.85
CA ALA A 180 0.85 -7.56 7.75
C ALA A 180 0.40 -7.71 9.21
N TRP A 181 -0.79 -7.22 9.54
CA TRP A 181 -1.31 -7.32 10.90
C TRP A 181 -1.48 -8.79 11.28
N ARG A 182 -1.80 -9.61 10.29
CA ARG A 182 -1.97 -11.04 10.49
C ARG A 182 -0.60 -11.70 10.74
N ARG A 183 0.38 -11.38 9.89
CA ARG A 183 1.73 -11.95 10.02
C ARG A 183 2.44 -11.48 11.29
N THR A 184 2.28 -10.22 11.65
CA THR A 184 2.94 -9.66 12.83
C THR A 184 2.27 -9.90 14.19
N TYR A 185 0.95 -9.79 14.25
CA TYR A 185 0.23 -9.96 15.51
C TYR A 185 -0.60 -11.24 15.61
N GLY A 186 -0.86 -11.88 14.48
CA GLY A 186 -1.64 -13.11 14.49
C GLY A 186 -3.15 -12.93 14.28
N LEU A 187 -3.58 -11.71 13.96
CA LEU A 187 -5.00 -11.45 13.74
C LEU A 187 -5.52 -12.31 12.58
N PRO A 188 -6.58 -13.10 12.82
CA PRO A 188 -7.17 -13.97 11.78
C PRO A 188 -7.92 -13.18 10.70
N THR A 189 -7.22 -12.77 9.67
CA THR A 189 -7.81 -11.97 8.61
C THR A 189 -8.06 -12.75 7.31
N ILE A 190 -9.00 -12.24 6.51
CA ILE A 190 -9.35 -12.83 5.21
C ILE A 190 -9.53 -11.67 4.23
N VAL A 191 -9.07 -11.85 3.00
CA VAL A 191 -9.18 -10.80 2.00
C VAL A 191 -9.89 -11.31 0.73
N THR A 192 -10.84 -10.52 0.22
CA THR A 192 -11.53 -10.88 -1.02
C THR A 192 -11.38 -9.73 -2.02
N ASN A 193 -11.20 -10.07 -3.29
CA ASN A 193 -11.07 -9.09 -4.36
C ASN A 193 -12.03 -9.47 -5.48
N CYS A 194 -12.98 -8.59 -5.81
CA CYS A 194 -13.94 -8.91 -6.86
C CYS A 194 -14.02 -7.89 -7.98
N SER A 195 -14.66 -8.30 -9.07
CA SER A 195 -14.83 -7.47 -10.25
C SER A 195 -15.94 -6.44 -10.03
N ASN A 196 -16.24 -5.67 -11.08
CA ASN A 196 -17.28 -4.63 -11.03
C ASN A 196 -18.65 -5.19 -10.63
N ASN A 197 -19.31 -4.54 -9.69
CA ASN A 197 -20.64 -4.94 -9.26
C ASN A 197 -21.68 -4.04 -9.92
N TYR A 198 -22.89 -4.57 -10.11
CA TYR A 198 -23.98 -3.80 -10.68
C TYR A 198 -25.30 -4.35 -10.13
N GLY A 199 -26.35 -3.55 -10.17
CA GLY A 199 -27.64 -4.01 -9.66
C GLY A 199 -28.40 -2.95 -8.87
N PRO A 200 -29.39 -3.36 -8.08
CA PRO A 200 -30.23 -2.47 -7.25
C PRO A 200 -29.45 -1.65 -6.21
N TYR A 201 -29.93 -0.43 -5.97
CA TYR A 201 -29.32 0.49 -5.00
C TYR A 201 -27.93 1.01 -5.34
N HIS A 202 -27.57 0.97 -6.61
CA HIS A 202 -26.27 1.44 -7.07
C HIS A 202 -26.32 2.98 -7.21
N PHE A 203 -25.35 3.68 -6.60
CA PHE A 203 -25.34 5.14 -6.69
C PHE A 203 -25.08 5.56 -8.14
N PRO A 204 -25.89 6.49 -8.67
CA PRO A 204 -25.83 7.02 -10.04
C PRO A 204 -24.53 7.66 -10.55
N GLU A 205 -23.37 7.25 -10.04
CA GLU A 205 -22.11 7.82 -10.53
C GLU A 205 -21.29 6.79 -11.31
N LYS A 206 -21.64 5.52 -11.15
CA LYS A 206 -20.96 4.43 -11.85
C LYS A 206 -21.64 4.22 -13.22
N LEU A 207 -20.90 3.64 -14.16
CA LEU A 207 -21.40 3.43 -15.52
C LEU A 207 -22.88 3.05 -15.71
N ILE A 208 -23.24 1.85 -15.27
CA ILE A 208 -24.60 1.36 -15.44
C ILE A 208 -25.73 2.20 -14.85
N PRO A 209 -25.66 2.54 -13.55
CA PRO A 209 -26.77 3.36 -13.04
C PRO A 209 -26.80 4.77 -13.63
N LEU A 210 -25.64 5.29 -14.01
CA LEU A 210 -25.58 6.61 -14.62
C LEU A 210 -26.22 6.58 -16.00
N VAL A 211 -25.91 5.54 -16.77
CA VAL A 211 -26.45 5.40 -18.12
C VAL A 211 -27.96 5.18 -18.13
N ILE A 212 -28.45 4.36 -17.21
CA ILE A 212 -29.88 4.09 -17.12
C ILE A 212 -30.67 5.35 -16.80
N LEU A 213 -30.26 6.07 -15.76
CA LEU A 213 -30.96 7.28 -15.37
C LEU A 213 -30.82 8.42 -16.38
N ASN A 214 -29.64 8.61 -16.95
CA ASN A 214 -29.45 9.67 -17.95
C ASN A 214 -30.35 9.39 -19.17
N ALA A 215 -30.43 8.11 -19.56
CA ALA A 215 -31.24 7.73 -20.70
C ALA A 215 -32.70 8.14 -20.48
N LEU A 216 -33.24 7.77 -19.32
CA LEU A 216 -34.62 8.09 -18.99
C LEU A 216 -34.89 9.59 -18.87
N GLU A 217 -33.86 10.37 -18.55
CA GLU A 217 -34.01 11.83 -18.42
C GLU A 217 -33.71 12.57 -19.73
N GLY A 218 -33.39 11.83 -20.79
CA GLY A 218 -33.10 12.45 -22.07
C GLY A 218 -31.73 13.12 -22.13
N LYS A 219 -30.82 12.68 -21.26
CA LYS A 219 -29.47 13.24 -21.22
C LYS A 219 -28.45 12.37 -21.96
N PRO A 220 -27.25 12.91 -22.22
CA PRO A 220 -26.19 12.18 -22.92
C PRO A 220 -25.70 10.95 -22.14
N LEU A 221 -25.20 9.94 -22.86
CA LEU A 221 -24.67 8.72 -22.27
C LEU A 221 -23.18 8.83 -22.63
N PRO A 222 -22.36 9.35 -21.69
CA PRO A 222 -20.92 9.56 -21.84
C PRO A 222 -19.99 8.35 -21.87
N ILE A 223 -19.38 8.14 -23.04
CA ILE A 223 -18.45 7.02 -23.26
C ILE A 223 -17.01 7.54 -23.21
N TYR A 224 -16.23 7.08 -22.24
CA TYR A 224 -14.82 7.49 -22.13
C TYR A 224 -14.02 6.86 -23.26
N GLY A 225 -13.34 7.69 -24.06
CA GLY A 225 -12.55 7.15 -25.16
C GLY A 225 -13.42 6.47 -26.22
N LYS A 226 -13.05 5.26 -26.62
CA LYS A 226 -13.79 4.53 -27.64
C LYS A 226 -14.82 3.56 -27.08
N GLY A 227 -14.76 3.34 -25.76
CA GLY A 227 -15.72 2.43 -25.15
C GLY A 227 -15.39 0.98 -25.42
N ASP A 228 -14.13 0.72 -25.78
CA ASP A 228 -13.69 -0.63 -26.07
C ASP A 228 -13.05 -1.28 -24.83
N GLN A 229 -13.00 -0.53 -23.74
CA GLN A 229 -12.43 -1.06 -22.50
C GLN A 229 -13.33 -2.19 -21.99
N ILE A 230 -12.72 -3.15 -21.30
CA ILE A 230 -13.42 -4.33 -20.80
C ILE A 230 -13.51 -4.47 -19.27
N ARG A 231 -14.68 -4.92 -18.80
CA ARG A 231 -14.95 -5.12 -17.38
C ARG A 231 -15.66 -6.46 -17.14
N ASP A 232 -15.46 -7.04 -15.97
CA ASP A 232 -16.07 -8.31 -15.59
C ASP A 232 -17.24 -7.93 -14.68
N TRP A 233 -18.47 -8.22 -15.12
CA TRP A 233 -19.66 -7.84 -14.35
C TRP A 233 -20.28 -8.90 -13.45
N LEU A 234 -20.43 -8.56 -12.17
CA LEU A 234 -21.03 -9.45 -11.17
C LEU A 234 -22.23 -8.82 -10.50
N TYR A 235 -23.37 -9.51 -10.51
CA TYR A 235 -24.59 -8.99 -9.89
C TYR A 235 -24.36 -8.86 -8.38
N VAL A 236 -24.70 -7.69 -7.84
CA VAL A 236 -24.49 -7.42 -6.42
C VAL A 236 -25.05 -8.46 -5.44
N GLU A 237 -26.19 -9.07 -5.77
CA GLU A 237 -26.76 -10.08 -4.87
C GLU A 237 -25.90 -11.35 -4.88
N ASP A 238 -25.21 -11.61 -5.98
CA ASP A 238 -24.35 -12.79 -6.05
C ASP A 238 -23.12 -12.54 -5.17
N HIS A 239 -22.61 -11.32 -5.21
CA HIS A 239 -21.43 -10.94 -4.42
C HIS A 239 -21.77 -11.09 -2.94
N ALA A 240 -22.94 -10.58 -2.56
CA ALA A 240 -23.39 -10.65 -1.18
C ALA A 240 -23.42 -12.09 -0.65
N ARG A 241 -23.94 -13.01 -1.45
CA ARG A 241 -23.99 -14.41 -1.03
C ARG A 241 -22.59 -14.97 -0.88
N ALA A 242 -21.68 -14.60 -1.78
CA ALA A 242 -20.31 -15.09 -1.70
C ALA A 242 -19.61 -14.55 -0.45
N LEU A 243 -19.85 -13.28 -0.12
CA LEU A 243 -19.22 -12.68 1.05
C LEU A 243 -19.62 -13.32 2.37
N HIS A 244 -20.91 -13.63 2.54
CA HIS A 244 -21.33 -14.27 3.78
C HIS A 244 -20.76 -15.68 3.88
N MET A 245 -20.54 -16.29 2.71
CA MET A 245 -19.99 -17.63 2.66
C MET A 245 -18.52 -17.59 3.12
N VAL A 246 -17.80 -16.55 2.68
CA VAL A 246 -16.39 -16.39 3.04
C VAL A 246 -16.17 -16.11 4.53
N VAL A 247 -16.90 -15.15 5.09
CA VAL A 247 -16.73 -14.81 6.50
C VAL A 247 -17.13 -15.98 7.40
N THR A 248 -18.02 -16.84 6.90
CA THR A 248 -18.51 -18.01 7.64
C THR A 248 -17.65 -19.26 7.48
N GLU A 249 -17.21 -19.56 6.26
CA GLU A 249 -16.44 -20.76 5.99
C GLU A 249 -15.01 -20.52 5.53
N GLY A 250 -14.69 -19.28 5.19
CA GLY A 250 -13.35 -18.96 4.72
C GLY A 250 -12.26 -19.31 5.72
N LYS A 251 -11.07 -19.60 5.21
CA LYS A 251 -9.92 -19.95 6.02
C LYS A 251 -9.03 -18.74 6.32
N ALA A 252 -8.67 -18.56 7.58
CA ALA A 252 -7.83 -17.44 8.00
C ALA A 252 -6.52 -17.40 7.22
N GLY A 253 -6.15 -16.20 6.76
CA GLY A 253 -4.92 -16.05 6.01
C GLY A 253 -5.08 -16.30 4.52
N GLU A 254 -6.28 -16.64 4.07
CA GLU A 254 -6.51 -16.91 2.66
C GLU A 254 -7.07 -15.70 1.90
N THR A 255 -6.93 -15.74 0.57
CA THR A 255 -7.43 -14.69 -0.30
C THR A 255 -8.35 -15.37 -1.31
N TYR A 256 -9.46 -14.70 -1.66
CA TYR A 256 -10.40 -15.27 -2.63
C TYR A 256 -10.84 -14.22 -3.64
N ASN A 257 -10.63 -14.49 -4.93
CA ASN A 257 -11.08 -13.58 -5.97
C ASN A 257 -12.55 -13.92 -6.23
N ILE A 258 -13.37 -12.91 -6.46
CA ILE A 258 -14.80 -13.13 -6.71
C ILE A 258 -15.25 -12.44 -8.00
N GLY A 259 -15.90 -13.19 -8.88
CA GLY A 259 -16.36 -12.64 -10.14
C GLY A 259 -17.38 -13.55 -10.80
N GLY A 260 -17.81 -13.19 -12.01
CA GLY A 260 -18.78 -14.02 -12.70
C GLY A 260 -18.32 -14.55 -14.04
N HIS A 261 -17.08 -14.27 -14.41
CA HIS A 261 -16.53 -14.69 -15.70
C HIS A 261 -17.49 -14.16 -16.78
N ASN A 262 -17.50 -12.84 -16.92
CA ASN A 262 -18.37 -12.18 -17.89
C ASN A 262 -17.71 -10.94 -18.45
N GLU A 263 -16.64 -11.10 -19.24
CA GLU A 263 -15.98 -9.94 -19.83
C GLU A 263 -16.91 -9.28 -20.83
N LYS A 264 -17.06 -7.95 -20.74
CA LYS A 264 -17.91 -7.19 -21.64
C LYS A 264 -17.29 -5.84 -21.94
N LYS A 265 -17.50 -5.34 -23.15
CA LYS A 265 -16.98 -4.03 -23.52
C LYS A 265 -18.00 -2.98 -23.09
N ASN A 266 -17.52 -1.84 -22.61
CA ASN A 266 -18.41 -0.78 -22.15
C ASN A 266 -19.49 -0.39 -23.18
N LEU A 267 -19.07 -0.08 -24.40
CA LEU A 267 -20.02 0.30 -25.44
C LEU A 267 -21.12 -0.74 -25.62
N ASP A 268 -20.73 -2.01 -25.56
CA ASP A 268 -21.69 -3.11 -25.70
C ASP A 268 -22.71 -3.08 -24.55
N VAL A 269 -22.24 -2.78 -23.34
CA VAL A 269 -23.13 -2.71 -22.18
C VAL A 269 -24.12 -1.57 -22.35
N VAL A 270 -23.66 -0.45 -22.91
CA VAL A 270 -24.53 0.70 -23.12
C VAL A 270 -25.61 0.37 -24.16
N PHE A 271 -25.22 -0.29 -25.24
CA PHE A 271 -26.18 -0.67 -26.29
C PHE A 271 -27.23 -1.61 -25.70
N THR A 272 -26.79 -2.52 -24.83
CA THR A 272 -27.70 -3.49 -24.20
C THR A 272 -28.76 -2.77 -23.36
N ILE A 273 -28.33 -1.75 -22.63
CA ILE A 273 -29.25 -0.98 -21.80
C ILE A 273 -30.23 -0.21 -22.69
N CYS A 274 -29.72 0.35 -23.79
CA CYS A 274 -30.55 1.10 -24.73
C CYS A 274 -31.63 0.23 -25.37
N ASP A 275 -31.28 -0.99 -25.76
CA ASP A 275 -32.26 -1.87 -26.38
C ASP A 275 -33.33 -2.29 -25.37
N LEU A 276 -32.92 -2.49 -24.12
CA LEU A 276 -33.85 -2.88 -23.07
C LEU A 276 -34.87 -1.76 -22.84
N LEU A 277 -34.41 -0.52 -22.84
CA LEU A 277 -35.30 0.62 -22.64
C LEU A 277 -36.20 0.87 -23.86
N ASP A 278 -35.66 0.63 -25.07
CA ASP A 278 -36.47 0.82 -26.28
C ASP A 278 -37.65 -0.15 -26.20
N GLU A 279 -37.40 -1.32 -25.61
CA GLU A 279 -38.42 -2.34 -25.48
C GLU A 279 -39.43 -2.05 -24.37
N ILE A 280 -38.93 -1.69 -23.19
CA ILE A 280 -39.77 -1.43 -22.03
C ILE A 280 -40.41 -0.04 -21.95
N VAL A 281 -39.66 1.00 -22.30
CA VAL A 281 -40.18 2.37 -22.25
C VAL A 281 -39.98 3.06 -23.60
N PRO A 282 -40.61 2.53 -24.66
CA PRO A 282 -40.48 3.11 -26.01
C PRO A 282 -40.89 4.56 -26.14
N LYS A 283 -40.18 5.28 -27.02
CA LYS A 283 -40.48 6.68 -27.28
C LYS A 283 -40.21 7.01 -28.75
N ALA A 284 -40.44 8.26 -29.14
CA ALA A 284 -40.24 8.70 -30.51
C ALA A 284 -38.96 8.20 -31.18
N THR A 285 -37.84 8.39 -30.50
CA THR A 285 -36.55 7.96 -31.04
C THR A 285 -35.88 6.92 -30.16
N SER A 286 -34.84 6.28 -30.69
CA SER A 286 -34.12 5.27 -29.93
C SER A 286 -33.24 5.94 -28.88
N TYR A 287 -33.02 5.25 -27.77
CA TYR A 287 -32.17 5.78 -26.71
C TYR A 287 -30.72 5.85 -27.17
N ARG A 288 -30.38 5.08 -28.22
CA ARG A 288 -29.03 5.05 -28.77
C ARG A 288 -28.57 6.43 -29.24
N GLU A 289 -29.52 7.27 -29.63
CA GLU A 289 -29.18 8.59 -30.13
C GLU A 289 -28.54 9.51 -29.07
N GLN A 290 -28.63 9.11 -27.81
CA GLN A 290 -28.06 9.87 -26.71
C GLN A 290 -26.60 9.49 -26.40
N ILE A 291 -26.12 8.41 -27.02
CA ILE A 291 -24.74 7.94 -26.83
C ILE A 291 -23.76 9.01 -27.32
N THR A 292 -22.80 9.37 -26.47
CA THR A 292 -21.83 10.41 -26.81
C THR A 292 -20.41 10.07 -26.38
N TYR A 293 -19.46 10.23 -27.30
CA TYR A 293 -18.05 9.96 -26.99
C TYR A 293 -17.44 11.22 -26.35
N VAL A 294 -16.79 11.05 -25.20
CA VAL A 294 -16.16 12.16 -24.50
C VAL A 294 -14.69 11.87 -24.19
N ALA A 295 -13.97 12.86 -23.68
CA ALA A 295 -12.54 12.69 -23.35
C ALA A 295 -12.32 11.53 -22.38
N ASP A 296 -11.32 10.71 -22.69
CA ASP A 296 -11.00 9.53 -21.91
C ASP A 296 -10.53 9.83 -20.48
N ARG A 297 -10.63 8.83 -19.61
CA ARG A 297 -10.20 8.96 -18.22
C ARG A 297 -8.69 8.83 -18.15
N PRO A 298 -8.01 9.74 -17.45
CA PRO A 298 -6.54 9.68 -17.33
C PRO A 298 -6.09 8.34 -16.70
N GLY A 299 -5.09 7.70 -17.29
CA GLY A 299 -4.59 6.43 -16.77
C GLY A 299 -5.55 5.25 -16.79
N HIS A 300 -6.64 5.39 -17.56
CA HIS A 300 -7.68 4.37 -17.70
C HIS A 300 -7.16 2.94 -17.92
N ASP A 301 -7.61 2.00 -17.07
CA ASP A 301 -7.20 0.59 -17.24
C ASP A 301 -8.12 0.04 -18.33
N ARG A 302 -7.53 -0.59 -19.34
CA ARG A 302 -8.31 -1.08 -20.47
C ARG A 302 -8.99 -2.44 -20.33
N ARG A 303 -8.57 -3.26 -19.37
CA ARG A 303 -9.20 -4.57 -19.21
C ARG A 303 -9.02 -5.28 -17.86
N TYR A 304 -10.14 -5.66 -17.25
CA TYR A 304 -10.15 -6.40 -15.98
C TYR A 304 -10.89 -7.71 -16.25
N ALA A 305 -10.42 -8.80 -15.65
CA ALA A 305 -11.05 -10.10 -15.82
C ALA A 305 -10.60 -11.01 -14.67
N ILE A 306 -11.55 -11.48 -13.88
CA ILE A 306 -11.27 -12.32 -12.73
C ILE A 306 -11.37 -13.84 -12.98
N ASP A 307 -10.47 -14.57 -12.34
CA ASP A 307 -10.47 -16.03 -12.40
C ASP A 307 -10.96 -16.44 -11.02
N ALA A 308 -12.22 -16.84 -10.92
CA ALA A 308 -12.81 -17.23 -9.65
C ALA A 308 -12.74 -18.73 -9.37
N GLY A 309 -11.80 -19.42 -10.02
CA GLY A 309 -11.67 -20.84 -9.83
C GLY A 309 -11.47 -21.26 -8.38
N LYS A 310 -10.56 -20.58 -7.68
CA LYS A 310 -10.28 -20.94 -6.30
C LYS A 310 -11.49 -20.98 -5.38
N ILE A 311 -12.22 -19.87 -5.27
CA ILE A 311 -13.38 -19.83 -4.37
C ILE A 311 -14.43 -20.84 -4.81
N SER A 312 -14.40 -21.20 -6.09
CA SER A 312 -15.36 -22.17 -6.61
C SER A 312 -15.06 -23.58 -6.12
N ARG A 313 -13.82 -24.02 -6.27
CA ARG A 313 -13.45 -25.36 -5.85
C ARG A 313 -13.23 -25.53 -4.35
N GLU A 314 -13.00 -24.44 -3.62
CA GLU A 314 -12.77 -24.54 -2.18
C GLU A 314 -13.99 -24.23 -1.30
N LEU A 315 -14.86 -23.33 -1.76
CA LEU A 315 -16.05 -22.99 -0.99
C LEU A 315 -17.32 -23.40 -1.73
N GLY A 316 -17.17 -23.72 -3.01
CA GLY A 316 -18.31 -24.14 -3.81
C GLY A 316 -19.25 -23.02 -4.24
N TRP A 317 -18.74 -21.80 -4.37
CA TRP A 317 -19.58 -20.67 -4.77
C TRP A 317 -19.65 -20.46 -6.28
N LYS A 318 -20.86 -20.18 -6.75
CA LYS A 318 -21.11 -19.93 -8.17
C LYS A 318 -22.19 -18.86 -8.27
N PRO A 319 -22.08 -17.96 -9.26
CA PRO A 319 -23.10 -16.91 -9.41
C PRO A 319 -24.40 -17.51 -9.93
N LEU A 320 -25.54 -17.01 -9.43
CA LEU A 320 -26.85 -17.50 -9.86
C LEU A 320 -27.35 -16.78 -11.11
N GLU A 321 -26.91 -15.54 -11.30
CA GLU A 321 -27.32 -14.74 -12.44
C GLU A 321 -26.31 -14.83 -13.59
N THR A 322 -26.74 -14.37 -14.76
CA THR A 322 -25.90 -14.28 -15.95
C THR A 322 -25.99 -12.79 -16.20
N PHE A 323 -25.09 -12.23 -17.00
CA PHE A 323 -25.19 -10.80 -17.26
C PHE A 323 -26.55 -10.46 -17.86
N GLU A 324 -27.02 -11.31 -18.77
CA GLU A 324 -28.31 -11.12 -19.43
C GLU A 324 -29.47 -11.01 -18.44
N SER A 325 -29.57 -11.97 -17.53
CA SER A 325 -30.65 -11.98 -16.54
C SER A 325 -30.51 -10.84 -15.53
N GLY A 326 -29.27 -10.57 -15.12
CA GLY A 326 -29.04 -9.52 -14.15
C GLY A 326 -29.24 -8.10 -14.66
N ILE A 327 -28.83 -7.83 -15.89
CA ILE A 327 -28.98 -6.50 -16.44
C ILE A 327 -30.46 -6.12 -16.62
N ARG A 328 -31.31 -7.10 -16.92
CA ARG A 328 -32.74 -6.84 -17.09
C ARG A 328 -33.35 -6.53 -15.72
N LYS A 329 -32.93 -7.29 -14.71
CA LYS A 329 -33.44 -7.05 -13.37
C LYS A 329 -33.05 -5.64 -12.92
N THR A 330 -31.83 -5.23 -13.25
CA THR A 330 -31.35 -3.91 -12.87
C THR A 330 -32.20 -2.80 -13.48
N VAL A 331 -32.42 -2.87 -14.80
CA VAL A 331 -33.22 -1.86 -15.48
C VAL A 331 -34.63 -1.81 -14.89
N GLU A 332 -35.21 -2.99 -14.64
CA GLU A 332 -36.55 -3.06 -14.07
C GLU A 332 -36.60 -2.45 -12.66
N TRP A 333 -35.54 -2.66 -11.89
CA TRP A 333 -35.48 -2.13 -10.52
C TRP A 333 -35.53 -0.61 -10.51
N TYR A 334 -34.73 0.05 -11.36
CA TYR A 334 -34.73 1.51 -11.39
C TYR A 334 -36.06 2.08 -11.85
N LEU A 335 -36.73 1.41 -12.78
CA LEU A 335 -38.01 1.87 -13.28
C LEU A 335 -39.06 1.82 -12.16
N ALA A 336 -38.92 0.84 -11.28
CA ALA A 336 -39.87 0.67 -10.18
C ALA A 336 -39.50 1.41 -8.87
N ASN A 337 -38.32 2.03 -8.83
CA ASN A 337 -37.91 2.71 -7.61
C ASN A 337 -37.54 4.19 -7.76
N THR A 338 -38.41 4.94 -8.41
CA THR A 338 -38.18 6.36 -8.63
C THR A 338 -38.07 7.13 -7.31
N GLN A 339 -38.75 6.64 -6.28
CA GLN A 339 -38.71 7.27 -4.96
C GLN A 339 -37.27 7.27 -4.43
N TRP A 340 -36.63 6.11 -4.44
CA TRP A 340 -35.26 5.98 -3.97
C TRP A 340 -34.33 6.86 -4.81
N VAL A 341 -34.53 6.85 -6.13
CA VAL A 341 -33.71 7.63 -7.04
C VAL A 341 -33.77 9.13 -6.75
N ASN A 342 -34.97 9.65 -6.50
CA ASN A 342 -35.12 11.06 -6.21
C ASN A 342 -34.48 11.49 -4.91
N ASN A 343 -34.49 10.61 -3.90
CA ASN A 343 -33.90 10.95 -2.62
C ASN A 343 -32.37 10.93 -2.66
N VAL A 344 -31.78 10.11 -3.51
CA VAL A 344 -30.31 10.03 -3.60
C VAL A 344 -29.72 11.18 -4.41
N LYS A 345 -30.44 11.63 -5.43
CA LYS A 345 -29.97 12.72 -6.26
C LYS A 345 -30.19 14.09 -5.61
N SER A 346 -29.13 14.60 -5.00
CA SER A 346 -29.18 15.88 -4.31
C SER A 346 -28.45 16.99 -5.09
N GLY A 347 -28.31 18.14 -4.44
CA GLY A 347 -27.61 19.25 -5.07
C GLY A 347 -26.13 18.93 -5.17
N ALA A 348 -25.63 18.14 -4.23
CA ALA A 348 -24.22 17.73 -4.21
C ALA A 348 -23.95 16.86 -5.44
N TYR A 349 -24.90 15.99 -5.75
CA TYR A 349 -24.79 15.09 -6.88
C TYR A 349 -24.64 15.88 -8.19
N GLN A 350 -25.48 16.90 -8.35
CA GLN A 350 -25.44 17.72 -9.56
C GLN A 350 -24.09 18.45 -9.67
N SER A 351 -23.52 18.82 -8.53
CA SER A 351 -22.23 19.50 -8.54
C SER A 351 -21.14 18.55 -9.04
N TRP A 352 -21.23 17.28 -8.67
CA TRP A 352 -20.25 16.29 -9.12
C TRP A 352 -20.39 16.09 -10.62
N ILE A 353 -21.62 16.01 -11.10
CA ILE A 353 -21.89 15.83 -12.51
C ILE A 353 -21.30 16.98 -13.32
N GLU A 354 -21.52 18.21 -12.88
CA GLU A 354 -20.99 19.37 -13.60
C GLU A 354 -19.46 19.34 -13.61
N GLN A 355 -18.89 18.97 -12.47
CA GLN A 355 -17.44 18.91 -12.31
C GLN A 355 -16.76 17.86 -13.20
N ASN A 356 -17.33 16.67 -13.28
CA ASN A 356 -16.73 15.58 -14.05
C ASN A 356 -17.10 15.53 -15.54
N TYR A 357 -18.29 16.03 -15.90
CA TYR A 357 -18.74 15.95 -17.28
C TYR A 357 -18.82 17.21 -18.15
N GLU A 358 -19.11 18.37 -17.57
CA GLU A 358 -19.20 19.56 -18.41
C GLU A 358 -17.81 20.18 -18.60
N GLY A 359 -17.48 20.48 -19.86
CA GLY A 359 -16.17 21.04 -20.16
C GLY A 359 -15.11 19.99 -19.84
N ARG A 360 -15.52 18.73 -19.95
CA ARG A 360 -14.64 17.61 -19.66
C ARG A 360 -13.33 17.59 -20.42
N GLN A 361 -12.24 17.40 -19.69
CA GLN A 361 -10.87 17.34 -20.21
C GLN A 361 -10.66 18.14 -21.49
N MET B 1 23.25 20.33 -11.59
CA MET B 1 21.82 20.02 -11.32
C MET B 1 21.50 20.25 -9.84
N LYS B 2 20.32 20.84 -9.59
CA LYS B 2 19.87 21.12 -8.23
C LYS B 2 19.03 19.93 -7.77
N ILE B 3 19.44 19.27 -6.70
CA ILE B 3 18.71 18.11 -6.20
C ILE B 3 18.10 18.33 -4.81
N LEU B 4 16.79 18.13 -4.70
CA LEU B 4 16.11 18.28 -3.41
C LEU B 4 16.04 16.88 -2.80
N ILE B 5 16.61 16.75 -1.61
CA ILE B 5 16.68 15.46 -0.91
C ILE B 5 15.97 15.46 0.44
N THR B 6 15.10 14.48 0.65
CA THR B 6 14.39 14.38 1.93
C THR B 6 15.12 13.31 2.77
N GLY B 7 15.25 13.56 4.07
CA GLY B 7 15.91 12.62 4.95
C GLY B 7 17.42 12.57 4.79
N GLY B 8 18.01 13.70 4.42
CA GLY B 8 19.45 13.75 4.23
C GLY B 8 20.28 13.73 5.49
N ALA B 9 19.65 13.81 6.66
CA ALA B 9 20.38 13.80 7.93
C ALA B 9 20.41 12.40 8.56
N GLY B 10 19.91 11.41 7.83
CA GLY B 10 19.88 10.04 8.33
C GLY B 10 21.04 9.19 7.85
N PHE B 11 20.97 7.90 8.12
CA PHE B 11 22.02 6.95 7.73
C PHE B 11 22.35 6.97 6.24
N ILE B 12 21.44 6.49 5.39
CA ILE B 12 21.68 6.45 3.95
C ILE B 12 21.64 7.83 3.32
N GLY B 13 20.74 8.68 3.80
CA GLY B 13 20.63 10.03 3.27
C GLY B 13 21.91 10.83 3.39
N SER B 14 22.54 10.80 4.58
CA SER B 14 23.78 11.55 4.79
C SER B 14 24.89 11.01 3.88
N ALA B 15 24.86 9.71 3.59
CA ALA B 15 25.88 9.13 2.71
C ALA B 15 25.65 9.68 1.30
N VAL B 16 24.39 9.85 0.91
CA VAL B 16 24.07 10.38 -0.41
C VAL B 16 24.51 11.84 -0.52
N VAL B 17 24.20 12.63 0.50
CA VAL B 17 24.58 14.04 0.50
C VAL B 17 26.10 14.22 0.45
N ARG B 18 26.82 13.48 1.31
CA ARG B 18 28.29 13.59 1.32
C ARG B 18 28.89 13.20 -0.03
N HIS B 19 28.34 12.18 -0.68
CA HIS B 19 28.86 11.74 -1.97
C HIS B 19 28.65 12.79 -3.07
N ILE B 20 27.48 13.40 -3.09
CA ILE B 20 27.16 14.40 -4.09
C ILE B 20 28.05 15.64 -3.97
N ILE B 21 28.26 16.12 -2.75
CA ILE B 21 29.09 17.30 -2.51
C ILE B 21 30.58 17.06 -2.77
N LYS B 22 31.06 15.88 -2.38
CA LYS B 22 32.48 15.56 -2.56
C LYS B 22 32.88 15.05 -3.93
N ASN B 23 31.97 14.36 -4.61
CA ASN B 23 32.33 13.77 -5.90
C ASN B 23 31.56 14.19 -7.16
N THR B 24 30.69 15.19 -7.06
CA THR B 24 29.94 15.61 -8.25
C THR B 24 29.86 17.13 -8.33
N GLN B 25 29.25 17.61 -9.42
CA GLN B 25 29.09 19.05 -9.61
C GLN B 25 27.67 19.51 -9.30
N ASP B 26 26.86 18.60 -8.76
CA ASP B 26 25.48 18.93 -8.42
C ASP B 26 25.36 19.65 -7.09
N THR B 27 24.23 20.32 -6.87
CA THR B 27 23.98 21.03 -5.63
C THR B 27 22.88 20.32 -4.85
N VAL B 28 22.72 20.64 -3.57
CA VAL B 28 21.74 19.98 -2.74
C VAL B 28 21.00 20.84 -1.73
N VAL B 29 19.69 20.62 -1.63
CA VAL B 29 18.86 21.28 -0.63
C VAL B 29 18.31 20.08 0.17
N ASN B 30 18.68 20.01 1.44
CA ASN B 30 18.31 18.90 2.33
C ASN B 30 17.15 19.22 3.26
N ILE B 31 16.05 18.47 3.12
CA ILE B 31 14.89 18.66 3.98
C ILE B 31 14.83 17.49 4.98
N ASP B 32 14.89 17.81 6.26
CA ASP B 32 14.84 16.76 7.28
C ASP B 32 14.21 17.28 8.56
N LYS B 33 13.31 16.47 9.13
CA LYS B 33 12.58 16.82 10.34
C LYS B 33 13.43 16.66 11.61
N LEU B 34 14.53 15.91 11.48
CA LEU B 34 15.44 15.64 12.60
C LEU B 34 14.74 14.90 13.74
N THR B 35 14.29 13.67 13.48
CA THR B 35 13.66 12.85 14.50
C THR B 35 14.82 12.25 15.28
N TYR B 36 14.56 11.24 16.09
CA TYR B 36 15.61 10.58 16.86
C TYR B 36 16.71 10.10 15.91
N ALA B 37 16.33 9.83 14.66
CA ALA B 37 17.27 9.32 13.65
C ALA B 37 18.00 10.38 12.82
N GLY B 38 17.52 11.63 12.87
CA GLY B 38 18.17 12.70 12.12
C GLY B 38 19.26 13.35 12.93
N ASN B 39 20.47 13.44 12.36
CA ASN B 39 21.62 14.01 13.08
C ASN B 39 22.49 14.88 12.18
N LEU B 40 22.53 16.19 12.45
CA LEU B 40 23.34 17.09 11.64
C LEU B 40 24.84 16.78 11.73
N GLU B 41 25.25 16.16 12.83
CA GLU B 41 26.67 15.80 13.00
C GLU B 41 27.14 14.81 11.95
N SER B 42 26.20 14.15 11.29
CA SER B 42 26.53 13.20 10.25
C SER B 42 26.90 13.91 8.95
N LEU B 43 26.67 15.23 8.91
CA LEU B 43 26.96 16.04 7.72
C LEU B 43 28.00 17.12 7.97
N SER B 44 28.78 16.95 9.05
CA SER B 44 29.82 17.89 9.44
C SER B 44 30.83 18.22 8.34
N ASP B 45 31.25 17.21 7.59
CA ASP B 45 32.23 17.41 6.54
C ASP B 45 31.79 18.33 5.40
N ILE B 46 30.50 18.54 5.22
CA ILE B 46 30.04 19.36 4.11
C ILE B 46 29.02 20.44 4.41
N SER B 47 28.63 20.58 5.67
CA SER B 47 27.63 21.58 6.03
C SER B 47 27.97 23.03 5.72
N GLU B 48 29.24 23.32 5.44
CA GLU B 48 29.64 24.69 5.15
C GLU B 48 29.69 25.02 3.67
N SER B 49 29.65 24.00 2.82
CA SER B 49 29.70 24.20 1.38
C SER B 49 28.58 25.13 0.90
N ASN B 50 28.91 25.98 -0.08
CA ASN B 50 27.93 26.91 -0.63
C ASN B 50 26.98 26.18 -1.58
N ARG B 51 27.30 24.93 -1.87
CA ARG B 51 26.49 24.09 -2.75
C ARG B 51 25.54 23.20 -1.94
N TYR B 52 25.40 23.52 -0.65
CA TYR B 52 24.55 22.76 0.24
C TYR B 52 23.72 23.68 1.12
N ASN B 53 22.44 23.37 1.27
CA ASN B 53 21.55 24.15 2.12
C ASN B 53 20.69 23.18 2.90
N PHE B 54 20.37 23.53 4.14
CA PHE B 54 19.56 22.68 4.99
C PHE B 54 18.27 23.36 5.39
N GLU B 55 17.18 22.59 5.37
CA GLU B 55 15.86 23.08 5.76
C GLU B 55 15.27 22.12 6.79
N HIS B 56 15.03 22.63 8.00
CA HIS B 56 14.47 21.83 9.06
C HIS B 56 12.95 21.82 8.86
N ALA B 57 12.42 20.72 8.32
CA ALA B 57 10.97 20.63 8.08
C ALA B 57 10.43 19.20 7.96
N ASP B 58 9.11 19.09 8.12
CA ASP B 58 8.38 17.83 8.05
C ASP B 58 7.75 17.68 6.66
N ILE B 59 7.96 16.55 5.99
CA ILE B 59 7.38 16.37 4.65
C ILE B 59 5.85 16.44 4.66
N CYS B 60 5.24 16.34 5.84
CA CYS B 60 3.78 16.42 5.95
C CYS B 60 3.27 17.87 5.94
N ASP B 61 4.18 18.82 6.10
CA ASP B 61 3.86 20.25 6.13
C ASP B 61 3.82 20.79 4.70
N SER B 62 2.70 20.58 4.02
CA SER B 62 2.56 21.02 2.62
C SER B 62 2.96 22.46 2.32
N ALA B 63 2.42 23.40 3.08
CA ALA B 63 2.71 24.82 2.85
C ALA B 63 4.21 25.12 2.84
N GLU B 64 4.93 24.59 3.83
CA GLU B 64 6.37 24.83 3.92
C GLU B 64 7.14 24.11 2.80
N ILE B 65 6.75 22.88 2.50
CA ILE B 65 7.43 22.13 1.43
C ILE B 65 7.17 22.81 0.08
N THR B 66 5.99 23.38 -0.10
CA THR B 66 5.65 24.08 -1.35
C THR B 66 6.61 25.26 -1.47
N ARG B 67 6.73 26.03 -0.38
CA ARG B 67 7.61 27.20 -0.35
C ARG B 67 9.05 26.84 -0.68
N ILE B 68 9.50 25.69 -0.18
CA ILE B 68 10.87 25.24 -0.43
C ILE B 68 11.10 24.88 -1.90
N PHE B 69 10.13 24.23 -2.52
CA PHE B 69 10.26 23.87 -3.94
C PHE B 69 10.37 25.15 -4.78
N GLU B 70 9.53 26.14 -4.48
CA GLU B 70 9.53 27.40 -5.21
C GLU B 70 10.84 28.18 -5.04
N GLN B 71 11.43 28.11 -3.85
CA GLN B 71 12.67 28.84 -3.61
C GLN B 71 13.90 28.25 -4.29
N TYR B 72 14.06 26.94 -4.21
CA TYR B 72 15.23 26.30 -4.80
C TYR B 72 15.09 25.80 -6.24
N GLN B 73 13.86 25.65 -6.72
CA GLN B 73 13.62 25.21 -8.09
C GLN B 73 14.44 23.96 -8.45
N PRO B 74 14.25 22.86 -7.71
CA PRO B 74 14.98 21.63 -7.97
C PRO B 74 14.76 21.03 -9.36
N ASP B 75 15.77 20.31 -9.84
CA ASP B 75 15.73 19.64 -11.14
C ASP B 75 15.36 18.17 -10.94
N ALA B 76 15.53 17.69 -9.70
CA ALA B 76 15.22 16.32 -9.36
C ALA B 76 14.95 16.20 -7.86
N VAL B 77 14.33 15.09 -7.47
CA VAL B 77 14.02 14.84 -6.08
C VAL B 77 14.45 13.42 -5.71
N MET B 78 15.01 13.29 -4.50
CA MET B 78 15.44 11.99 -3.97
C MET B 78 14.78 11.89 -2.60
N HIS B 79 13.73 11.08 -2.52
CA HIS B 79 12.95 10.90 -1.31
C HIS B 79 13.39 9.74 -0.41
N LEU B 80 14.13 10.05 0.66
CA LEU B 80 14.59 9.03 1.60
C LEU B 80 13.98 9.15 2.99
N ALA B 81 13.32 10.27 3.28
CA ALA B 81 12.72 10.46 4.61
C ALA B 81 11.70 9.37 4.97
N ALA B 82 11.87 8.77 6.15
CA ALA B 82 10.96 7.71 6.61
C ALA B 82 11.30 7.17 7.99
N GLU B 83 10.36 6.42 8.57
CA GLU B 83 10.58 5.75 9.85
C GLU B 83 11.08 4.40 9.34
N SER B 84 12.26 3.98 9.77
CA SER B 84 12.84 2.76 9.23
C SER B 84 13.04 1.51 10.08
N HIS B 85 12.67 1.53 11.35
CA HIS B 85 12.89 0.34 12.18
C HIS B 85 11.70 -0.59 12.40
N VAL B 86 11.81 -1.81 11.88
CA VAL B 86 10.75 -2.80 12.01
C VAL B 86 10.30 -2.99 13.47
N ASP B 87 11.26 -3.10 14.39
CA ASP B 87 10.90 -3.29 15.79
C ASP B 87 10.09 -2.13 16.36
N ARG B 88 10.36 -0.91 15.90
CA ARG B 88 9.59 0.22 16.39
C ARG B 88 8.20 0.20 15.78
N SER B 89 8.09 -0.27 14.54
CA SER B 89 6.79 -0.33 13.87
C SER B 89 5.85 -1.34 14.50
N ILE B 90 6.39 -2.35 15.17
CA ILE B 90 5.56 -3.37 15.81
C ILE B 90 4.85 -2.80 17.05
N THR B 91 5.54 -1.98 17.82
CA THR B 91 4.95 -1.39 19.02
C THR B 91 4.34 -0.01 18.83
N GLY B 92 4.81 0.72 17.81
CA GLY B 92 4.29 2.04 17.53
C GLY B 92 4.12 2.28 16.04
N PRO B 93 3.13 1.62 15.40
CA PRO B 93 2.86 1.73 13.97
C PRO B 93 2.34 3.08 13.43
N ALA B 94 1.64 3.84 14.26
CA ALA B 94 1.07 5.12 13.84
C ALA B 94 2.07 6.02 13.11
N ALA B 95 3.26 6.16 13.67
CA ALA B 95 4.27 7.02 13.05
C ALA B 95 4.66 6.56 11.64
N PHE B 96 4.62 5.25 11.40
CA PHE B 96 4.98 4.73 10.09
C PHE B 96 3.89 5.02 9.05
N ILE B 97 2.64 4.96 9.48
CA ILE B 97 1.50 5.22 8.60
C ILE B 97 1.55 6.69 8.18
N GLU B 98 1.75 7.56 9.16
CA GLU B 98 1.80 9.00 8.95
C GLU B 98 2.96 9.49 8.09
N THR B 99 4.18 9.11 8.44
CA THR B 99 5.35 9.56 7.69
C THR B 99 5.60 8.83 6.38
N ASN B 100 5.51 7.51 6.38
CA ASN B 100 5.78 6.75 5.18
C ASN B 100 4.68 6.75 4.13
N ILE B 101 3.43 6.70 4.55
CA ILE B 101 2.34 6.71 3.59
C ILE B 101 1.79 8.10 3.34
N VAL B 102 1.22 8.73 4.37
CA VAL B 102 0.66 10.07 4.20
C VAL B 102 1.71 11.10 3.82
N GLY B 103 2.93 10.91 4.34
CA GLY B 103 4.01 11.84 4.03
C GLY B 103 4.43 11.76 2.57
N THR B 104 4.45 10.55 2.02
CA THR B 104 4.83 10.38 0.62
C THR B 104 3.73 10.99 -0.25
N TYR B 105 2.48 10.80 0.16
CA TYR B 105 1.35 11.35 -0.54
C TYR B 105 1.48 12.88 -0.62
N ALA B 106 1.71 13.50 0.54
CA ALA B 106 1.84 14.96 0.61
C ALA B 106 2.97 15.48 -0.26
N LEU B 107 4.09 14.76 -0.29
CA LEU B 107 5.24 15.16 -1.09
C LEU B 107 4.95 14.96 -2.59
N LEU B 108 4.24 13.90 -2.94
CA LEU B 108 3.89 13.65 -4.33
C LEU B 108 3.02 14.78 -4.89
N GLU B 109 2.08 15.25 -4.07
CA GLU B 109 1.19 16.32 -4.49
C GLU B 109 1.90 17.65 -4.70
N VAL B 110 2.86 17.97 -3.84
CA VAL B 110 3.61 19.21 -4.00
C VAL B 110 4.44 19.11 -5.27
N ALA B 111 5.05 17.95 -5.49
CA ALA B 111 5.89 17.72 -6.66
C ALA B 111 5.08 17.74 -7.95
N ARG B 112 3.86 17.19 -7.92
CA ARG B 112 3.02 17.16 -9.11
C ARG B 112 2.66 18.59 -9.53
N LYS B 113 2.16 19.39 -8.60
CA LYS B 113 1.78 20.76 -8.90
C LYS B 113 2.97 21.57 -9.40
N TYR B 114 4.14 21.32 -8.81
CA TYR B 114 5.36 22.01 -9.20
C TYR B 114 5.76 21.63 -10.62
N TRP B 115 5.83 20.32 -10.88
CA TRP B 115 6.20 19.77 -12.18
C TRP B 115 5.27 20.22 -13.31
N SER B 116 3.97 20.21 -13.06
CA SER B 116 2.99 20.60 -14.08
C SER B 116 3.15 22.04 -14.56
N ALA B 117 3.69 22.90 -13.71
CA ALA B 117 3.86 24.30 -14.07
C ALA B 117 5.24 24.67 -14.61
N LEU B 118 6.10 23.68 -14.82
CA LEU B 118 7.44 23.95 -15.33
C LEU B 118 7.45 24.22 -16.84
N GLY B 119 8.53 24.82 -17.33
CA GLY B 119 8.64 25.09 -18.75
C GLY B 119 8.89 23.79 -19.49
N GLU B 120 8.59 23.76 -20.79
CA GLU B 120 8.76 22.55 -21.60
C GLU B 120 10.06 21.78 -21.34
N ASP B 121 11.17 22.50 -21.36
CA ASP B 121 12.49 21.92 -21.15
C ASP B 121 12.66 21.25 -19.78
N LYS B 122 12.63 22.06 -18.73
CA LYS B 122 12.80 21.58 -17.37
C LYS B 122 11.74 20.52 -17.00
N LYS B 123 10.55 20.64 -17.58
CA LYS B 123 9.48 19.69 -17.27
C LYS B 123 9.76 18.27 -17.79
N ASN B 124 10.39 18.16 -18.95
CA ASN B 124 10.70 16.86 -19.51
C ASN B 124 11.89 16.20 -18.83
N ASN B 125 12.75 17.00 -18.20
CA ASN B 125 13.92 16.45 -17.55
C ASN B 125 13.74 16.17 -16.05
N PHE B 126 12.66 16.68 -15.47
CA PHE B 126 12.39 16.47 -14.05
C PHE B 126 12.33 14.99 -13.70
N ARG B 127 12.78 14.64 -12.50
CA ARG B 127 12.78 13.26 -12.04
C ARG B 127 12.45 13.18 -10.56
N PHE B 128 11.54 12.26 -10.21
CA PHE B 128 11.16 12.05 -8.81
C PHE B 128 11.61 10.63 -8.45
N HIS B 129 12.72 10.54 -7.73
CA HIS B 129 13.31 9.26 -7.33
C HIS B 129 12.87 8.87 -5.93
N HIS B 130 12.15 7.74 -5.83
CA HIS B 130 11.65 7.23 -4.57
C HIS B 130 12.57 6.11 -4.09
N ILE B 131 13.20 6.30 -2.94
CA ILE B 131 14.11 5.29 -2.38
C ILE B 131 13.33 4.33 -1.47
N SER B 132 13.32 3.04 -1.83
CA SER B 132 12.57 2.07 -1.04
C SER B 132 13.39 0.84 -0.62
N THR B 133 12.70 -0.16 -0.06
CA THR B 133 13.33 -1.36 0.48
C THR B 133 12.92 -2.69 -0.16
N ASP B 134 13.75 -3.71 0.02
CA ASP B 134 13.47 -5.05 -0.53
C ASP B 134 12.39 -5.77 0.27
N GLU B 135 12.12 -5.28 1.47
CA GLU B 135 11.12 -5.89 2.35
C GLU B 135 9.69 -5.88 1.81
N VAL B 136 9.43 -5.07 0.80
CA VAL B 136 8.09 -5.00 0.21
C VAL B 136 7.76 -6.33 -0.49
N TYR B 137 8.78 -7.11 -0.83
CA TYR B 137 8.60 -8.38 -1.53
C TYR B 137 8.22 -9.55 -0.63
N GLY B 138 8.24 -9.34 0.68
CA GLY B 138 7.89 -10.41 1.60
C GLY B 138 9.07 -11.29 1.94
N ASP B 139 8.81 -12.54 2.32
CA ASP B 139 9.87 -13.47 2.70
C ASP B 139 10.20 -14.47 1.58
N LEU B 140 11.39 -15.04 1.63
CA LEU B 140 11.84 -16.02 0.64
C LEU B 140 12.11 -17.39 1.27
N PRO B 141 12.02 -18.47 0.49
CA PRO B 141 12.27 -19.82 1.02
C PRO B 141 13.68 -19.88 1.62
N HIS B 142 13.79 -20.51 2.78
CA HIS B 142 15.06 -20.61 3.51
C HIS B 142 15.80 -21.92 3.18
N PRO B 143 17.15 -21.88 3.19
CA PRO B 143 17.96 -23.08 2.90
C PRO B 143 17.50 -24.35 3.62
N ASP B 144 17.02 -24.21 4.86
CA ASP B 144 16.58 -25.38 5.60
C ASP B 144 15.13 -25.83 5.31
N GLU B 145 14.54 -25.30 4.24
CA GLU B 145 13.18 -25.67 3.88
C GLU B 145 13.15 -26.35 2.52
N VAL B 146 14.28 -26.33 1.83
CA VAL B 146 14.35 -26.95 0.50
C VAL B 146 15.46 -27.97 0.35
N GLU B 147 15.45 -28.64 -0.79
CA GLU B 147 16.44 -29.66 -1.12
C GLU B 147 17.79 -28.99 -1.25
N ASN B 148 18.81 -29.57 -0.61
CA ASN B 148 20.16 -29.03 -0.64
C ASN B 148 20.75 -28.94 -2.05
N SER B 149 19.90 -29.18 -3.05
CA SER B 149 20.32 -29.14 -4.44
C SER B 149 19.62 -28.02 -5.21
N VAL B 150 18.34 -27.83 -4.94
CA VAL B 150 17.54 -26.79 -5.60
C VAL B 150 18.16 -25.40 -5.44
N THR B 151 18.01 -24.58 -6.47
CA THR B 151 18.53 -23.21 -6.43
C THR B 151 17.49 -22.34 -5.74
N LEU B 152 17.93 -21.60 -4.73
CA LEU B 152 17.04 -20.72 -3.98
C LEU B 152 16.66 -19.49 -4.79
N PRO B 153 15.37 -19.10 -4.75
CA PRO B 153 14.91 -17.92 -5.48
C PRO B 153 15.46 -16.62 -4.89
N LEU B 154 15.43 -15.56 -5.70
CA LEU B 154 15.90 -14.24 -5.31
C LEU B 154 14.82 -13.21 -5.61
N PHE B 155 14.95 -12.02 -5.05
CA PHE B 155 14.00 -10.94 -5.31
C PHE B 155 14.34 -10.26 -6.63
N THR B 156 13.37 -10.16 -7.55
CA THR B 156 13.60 -9.48 -8.82
C THR B 156 12.58 -8.33 -8.90
N GLU B 157 12.75 -7.44 -9.88
CA GLU B 157 11.82 -6.32 -10.03
C GLU B 157 10.38 -6.72 -10.34
N THR B 158 10.15 -7.97 -10.74
CA THR B 158 8.79 -8.41 -11.03
C THR B 158 8.21 -9.31 -9.93
N THR B 159 8.92 -9.45 -8.82
CA THR B 159 8.42 -10.27 -7.71
C THR B 159 7.20 -9.59 -7.10
N ALA B 160 6.20 -10.37 -6.73
CA ALA B 160 4.97 -9.82 -6.14
C ALA B 160 5.18 -9.26 -4.72
N TYR B 161 4.50 -8.16 -4.43
CA TYR B 161 4.58 -7.52 -3.10
C TYR B 161 3.82 -8.38 -2.10
N ALA B 162 4.38 -8.53 -0.90
CA ALA B 162 3.76 -9.29 0.18
C ALA B 162 4.42 -8.90 1.51
N PRO B 163 4.35 -7.61 1.89
CA PRO B 163 4.93 -7.09 3.12
C PRO B 163 4.45 -7.77 4.40
N SER B 164 5.39 -8.11 5.29
CA SER B 164 5.08 -8.80 6.56
C SER B 164 4.85 -7.92 7.79
N SER B 165 5.48 -6.77 7.85
CA SER B 165 5.35 -5.90 9.02
C SER B 165 4.73 -4.53 8.73
N PRO B 166 4.36 -3.79 9.78
CA PRO B 166 3.77 -2.46 9.58
C PRO B 166 4.75 -1.60 8.78
N TYR B 167 6.04 -1.73 9.09
CA TYR B 167 7.05 -0.97 8.36
C TYR B 167 7.05 -1.30 6.87
N SER B 168 7.22 -2.57 6.52
CA SER B 168 7.26 -2.93 5.10
C SER B 168 5.92 -2.70 4.39
N ALA B 169 4.81 -2.79 5.12
CA ALA B 169 3.51 -2.53 4.52
C ALA B 169 3.46 -1.04 4.22
N SER B 170 4.08 -0.24 5.10
CA SER B 170 4.16 1.22 4.94
C SER B 170 4.88 1.60 3.66
N LYS B 171 6.04 0.98 3.47
CA LYS B 171 6.87 1.24 2.29
C LYS B 171 6.23 0.71 1.02
N ALA B 172 5.63 -0.48 1.08
CA ALA B 172 4.99 -1.04 -0.10
C ALA B 172 3.90 -0.08 -0.56
N SER B 173 3.17 0.49 0.40
CA SER B 173 2.11 1.43 0.09
C SER B 173 2.67 2.69 -0.57
N SER B 174 3.78 3.21 -0.06
CA SER B 174 4.38 4.42 -0.63
C SER B 174 4.81 4.13 -2.07
N ASP B 175 5.29 2.91 -2.33
CA ASP B 175 5.68 2.53 -3.69
C ASP B 175 4.47 2.63 -4.63
N HIS B 176 3.34 2.06 -4.21
CA HIS B 176 2.12 2.09 -5.04
C HIS B 176 1.68 3.51 -5.37
N LEU B 177 1.75 4.41 -4.40
CA LEU B 177 1.36 5.80 -4.61
C LEU B 177 2.25 6.46 -5.66
N VAL B 178 3.54 6.16 -5.62
CA VAL B 178 4.49 6.73 -6.58
C VAL B 178 4.21 6.28 -8.01
N ARG B 179 3.95 4.99 -8.20
CA ARG B 179 3.67 4.46 -9.54
C ARG B 179 2.31 4.89 -10.06
N ALA B 180 1.33 5.04 -9.16
CA ALA B 180 -0.01 5.46 -9.56
C ALA B 180 -0.02 6.93 -9.98
N TRP B 181 0.81 7.74 -9.32
CA TRP B 181 0.88 9.17 -9.66
C TRP B 181 1.46 9.31 -11.06
N ARG B 182 2.35 8.39 -11.42
CA ARG B 182 2.98 8.38 -12.73
C ARG B 182 1.96 7.98 -13.80
N ARG B 183 1.24 6.90 -13.57
CA ARG B 183 0.24 6.39 -14.51
C ARG B 183 -0.94 7.35 -14.68
N THR B 184 -1.38 7.98 -13.60
CA THR B 184 -2.51 8.89 -13.65
C THR B 184 -2.22 10.34 -14.05
N TYR B 185 -1.13 10.92 -13.57
CA TYR B 185 -0.78 12.30 -13.89
C TYR B 185 0.41 12.49 -14.83
N GLY B 186 1.21 11.44 -15.01
CA GLY B 186 2.37 11.53 -15.88
C GLY B 186 3.68 11.93 -15.22
N LEU B 187 3.68 12.03 -13.89
CA LEU B 187 4.88 12.41 -13.14
C LEU B 187 6.01 11.41 -13.40
N PRO B 188 7.16 11.88 -13.91
CA PRO B 188 8.30 10.99 -14.19
C PRO B 188 8.99 10.48 -12.92
N THR B 189 8.53 9.34 -12.43
CA THR B 189 9.05 8.74 -11.21
C THR B 189 9.92 7.51 -11.45
N ILE B 190 10.77 7.22 -10.46
CA ILE B 190 11.68 6.08 -10.48
C ILE B 190 11.66 5.46 -9.09
N VAL B 191 11.69 4.14 -9.02
CA VAL B 191 11.69 3.46 -7.72
C VAL B 191 12.87 2.49 -7.60
N THR B 192 13.54 2.51 -6.44
CA THR B 192 14.64 1.58 -6.19
C THR B 192 14.36 0.83 -4.88
N ASN B 193 14.71 -0.46 -4.85
CA ASN B 193 14.52 -1.29 -3.66
C ASN B 193 15.83 -2.01 -3.40
N CYS B 194 16.41 -1.80 -2.21
CA CYS B 194 17.66 -2.47 -1.90
C CYS B 194 17.66 -3.25 -0.60
N SER B 195 18.69 -4.07 -0.46
CA SER B 195 18.87 -4.93 0.70
C SER B 195 19.38 -4.12 1.90
N ASN B 196 19.64 -4.81 3.01
CA ASN B 196 20.14 -4.19 4.24
C ASN B 196 21.44 -3.41 4.01
N ASN B 197 21.49 -2.18 4.53
CA ASN B 197 22.69 -1.36 4.42
C ASN B 197 23.43 -1.41 5.77
N TYR B 198 24.75 -1.21 5.72
CA TYR B 198 25.59 -1.17 6.93
C TYR B 198 26.80 -0.29 6.66
N GLY B 199 27.40 0.23 7.73
CA GLY B 199 28.56 1.10 7.56
C GLY B 199 28.57 2.29 8.50
N PRO B 200 29.37 3.33 8.19
CA PRO B 200 29.51 4.56 8.98
C PRO B 200 28.20 5.33 9.16
N TYR B 201 28.05 5.97 10.32
CA TYR B 201 26.88 6.78 10.67
C TYR B 201 25.55 6.02 10.79
N HIS B 202 25.62 4.72 11.06
CA HIS B 202 24.43 3.89 11.23
C HIS B 202 23.93 4.06 12.67
N PHE B 203 22.65 4.38 12.84
CA PHE B 203 22.09 4.56 14.18
C PHE B 203 22.13 3.23 14.92
N PRO B 204 22.62 3.25 16.18
CA PRO B 204 22.77 2.08 17.07
C PRO B 204 21.54 1.25 17.42
N GLU B 205 20.53 1.18 16.55
CA GLU B 205 19.35 0.37 16.86
C GLU B 205 19.27 -0.84 15.92
N LYS B 206 20.05 -0.79 14.84
CA LYS B 206 20.07 -1.87 13.85
C LYS B 206 21.13 -2.90 14.26
N LEU B 207 20.97 -4.15 13.81
CA LEU B 207 21.88 -5.24 14.16
C LEU B 207 23.36 -4.94 14.33
N ILE B 208 24.03 -4.59 13.23
CA ILE B 208 25.45 -4.33 13.27
C ILE B 208 25.94 -3.21 14.20
N PRO B 209 25.40 -1.99 14.07
CA PRO B 209 25.91 -0.97 15.00
C PRO B 209 25.54 -1.24 16.47
N LEU B 210 24.43 -1.94 16.70
CA LEU B 210 24.02 -2.27 18.06
C LEU B 210 24.99 -3.30 18.65
N VAL B 211 25.35 -4.30 17.85
CA VAL B 211 26.26 -5.35 18.30
C VAL B 211 27.67 -4.82 18.57
N ILE B 212 28.16 -3.96 17.67
CA ILE B 212 29.49 -3.39 17.85
C ILE B 212 29.61 -2.57 19.13
N LEU B 213 28.65 -1.67 19.35
CA LEU B 213 28.68 -0.82 20.53
C LEU B 213 28.42 -1.59 21.83
N ASN B 214 27.46 -2.51 21.81
CA ASN B 214 27.18 -3.29 23.01
C ASN B 214 28.41 -4.12 23.41
N ALA B 215 29.10 -4.65 22.41
CA ALA B 215 30.30 -5.45 22.67
C ALA B 215 31.34 -4.61 23.41
N LEU B 216 31.61 -3.41 22.89
CA LEU B 216 32.60 -2.53 23.49
C LEU B 216 32.21 -2.03 24.87
N GLU B 217 30.91 -2.03 25.17
CA GLU B 217 30.43 -1.58 26.47
C GLU B 217 30.22 -2.74 27.45
N GLY B 218 30.61 -3.94 27.04
CA GLY B 218 30.45 -5.10 27.91
C GLY B 218 29.01 -5.54 28.11
N LYS B 219 28.14 -5.22 27.16
CA LYS B 219 26.73 -5.60 27.24
C LYS B 219 26.40 -6.81 26.38
N PRO B 220 25.21 -7.39 26.56
CA PRO B 220 24.76 -8.56 25.80
C PRO B 220 24.60 -8.26 24.31
N LEU B 221 24.77 -9.29 23.47
CA LEU B 221 24.60 -9.18 22.03
C LEU B 221 23.36 -10.05 21.79
N PRO B 222 22.18 -9.43 21.71
CA PRO B 222 20.87 -10.06 21.51
C PRO B 222 20.52 -10.66 20.15
N ILE B 223 20.46 -11.99 20.10
CA ILE B 223 20.13 -12.71 18.88
C ILE B 223 18.66 -13.12 18.91
N TYR B 224 17.87 -12.67 17.94
CA TYR B 224 16.45 -13.02 17.86
C TYR B 224 16.32 -14.49 17.41
N GLY B 225 15.61 -15.31 18.19
CA GLY B 225 15.45 -16.70 17.81
C GLY B 225 16.79 -17.44 17.81
N LYS B 226 17.08 -18.16 16.73
CA LYS B 226 18.32 -18.91 16.64
C LYS B 226 19.44 -18.17 15.90
N GLY B 227 19.09 -17.08 15.24
CA GLY B 227 20.09 -16.33 14.50
C GLY B 227 20.44 -16.97 13.18
N ASP B 228 19.55 -17.83 12.70
CA ASP B 228 19.77 -18.49 11.41
C ASP B 228 19.12 -17.72 10.27
N GLN B 229 18.47 -16.60 10.59
CA GLN B 229 17.83 -15.78 9.57
C GLN B 229 18.91 -15.18 8.65
N ILE B 230 18.56 -14.95 7.39
CA ILE B 230 19.49 -14.44 6.40
C ILE B 230 19.18 -13.05 5.83
N ARG B 231 20.23 -12.26 5.62
CA ARG B 231 20.12 -10.91 5.08
C ARG B 231 21.21 -10.67 4.02
N ASP B 232 20.92 -9.79 3.07
CA ASP B 232 21.84 -9.43 1.97
C ASP B 232 22.45 -8.09 2.36
N TRP B 233 23.75 -8.08 2.64
CA TRP B 233 24.43 -6.86 3.10
C TRP B 233 25.13 -6.00 2.05
N LEU B 234 24.77 -4.72 2.03
CA LEU B 234 25.35 -3.76 1.10
C LEU B 234 25.96 -2.57 1.85
N TYR B 235 27.22 -2.27 1.56
CA TYR B 235 27.91 -1.16 2.20
C TYR B 235 27.21 0.15 1.79
N VAL B 236 26.90 0.99 2.77
CA VAL B 236 26.19 2.23 2.52
C VAL B 236 26.81 3.14 1.45
N GLU B 237 28.13 3.18 1.35
CA GLU B 237 28.75 4.03 0.33
C GLU B 237 28.49 3.47 -1.07
N ASP B 238 28.35 2.16 -1.20
CA ASP B 238 28.05 1.56 -2.51
C ASP B 238 26.62 1.93 -2.92
N HIS B 239 25.71 1.92 -1.96
CA HIS B 239 24.31 2.25 -2.22
C HIS B 239 24.23 3.70 -2.69
N ALA B 240 24.93 4.59 -1.98
CA ALA B 240 24.96 6.00 -2.33
C ALA B 240 25.40 6.23 -3.78
N ARG B 241 26.45 5.54 -4.20
CA ARG B 241 26.93 5.68 -5.57
C ARG B 241 25.87 5.20 -6.57
N ALA B 242 25.20 4.10 -6.25
CA ALA B 242 24.17 3.56 -7.14
C ALA B 242 22.98 4.52 -7.24
N LEU B 243 22.59 5.13 -6.13
CA LEU B 243 21.47 6.05 -6.12
C LEU B 243 21.68 7.29 -6.98
N HIS B 244 22.87 7.88 -6.92
CA HIS B 244 23.13 9.07 -7.73
C HIS B 244 23.14 8.68 -9.21
N MET B 245 23.56 7.45 -9.48
CA MET B 245 23.62 6.94 -10.84
C MET B 245 22.18 6.81 -11.38
N VAL B 246 21.28 6.33 -10.53
CA VAL B 246 19.88 6.14 -10.91
C VAL B 246 19.15 7.46 -11.19
N VAL B 247 19.24 8.41 -10.25
CA VAL B 247 18.55 9.68 -10.45
C VAL B 247 19.09 10.44 -11.66
N THR B 248 20.34 10.16 -12.01
CA THR B 248 21.00 10.82 -13.14
C THR B 248 20.79 10.13 -14.50
N GLU B 249 20.89 8.81 -14.51
CA GLU B 249 20.77 8.06 -15.76
C GLU B 249 19.55 7.14 -15.82
N GLY B 250 18.89 6.93 -14.69
CA GLY B 250 17.73 6.06 -14.66
C GLY B 250 16.62 6.48 -15.60
N LYS B 251 15.85 5.50 -16.08
CA LYS B 251 14.75 5.75 -17.00
C LYS B 251 13.40 5.89 -16.27
N ALA B 252 12.66 6.94 -16.59
CA ALA B 252 11.36 7.20 -15.97
C ALA B 252 10.42 6.02 -16.07
N GLY B 253 9.77 5.68 -14.95
CA GLY B 253 8.85 4.55 -14.94
C GLY B 253 9.50 3.21 -14.68
N GLU B 254 10.82 3.20 -14.50
CA GLU B 254 11.53 1.93 -14.24
C GLU B 254 11.75 1.67 -12.75
N THR B 255 12.05 0.42 -12.43
CA THR B 255 12.33 0.00 -11.07
C THR B 255 13.70 -0.68 -11.08
N TYR B 256 14.50 -0.45 -10.04
CA TYR B 256 15.82 -1.07 -9.98
C TYR B 256 16.09 -1.64 -8.58
N ASN B 257 16.39 -2.93 -8.51
CA ASN B 257 16.72 -3.55 -7.23
C ASN B 257 18.21 -3.28 -7.04
N ILE B 258 18.62 -3.03 -5.81
CA ILE B 258 20.02 -2.75 -5.50
C ILE B 258 20.50 -3.62 -4.35
N GLY B 259 21.63 -4.29 -4.55
CA GLY B 259 22.19 -5.17 -3.53
C GLY B 259 23.62 -5.54 -3.85
N GLY B 260 24.21 -6.41 -3.05
CA GLY B 260 25.59 -6.81 -3.31
C GLY B 260 25.78 -8.30 -3.48
N HIS B 261 24.68 -9.05 -3.49
CA HIS B 261 24.75 -10.51 -3.62
C HIS B 261 25.68 -11.03 -2.52
N ASN B 262 25.23 -10.89 -1.27
CA ASN B 262 26.00 -11.32 -0.11
C ASN B 262 25.10 -11.87 0.98
N GLU B 263 24.49 -13.02 0.76
CA GLU B 263 23.63 -13.60 1.79
C GLU B 263 24.47 -14.04 2.98
N LYS B 264 24.06 -13.65 4.18
CA LYS B 264 24.76 -14.02 5.40
C LYS B 264 23.76 -14.30 6.52
N LYS B 265 24.10 -15.23 7.41
CA LYS B 265 23.25 -15.54 8.54
C LYS B 265 23.61 -14.57 9.66
N ASN B 266 22.62 -14.10 10.40
CA ASN B 266 22.83 -13.16 11.49
C ASN B 266 23.91 -13.61 12.48
N LEU B 267 23.79 -14.82 12.99
CA LEU B 267 24.75 -15.33 13.95
C LEU B 267 26.18 -15.27 13.40
N ASP B 268 26.31 -15.56 12.11
CA ASP B 268 27.61 -15.54 11.46
C ASP B 268 28.16 -14.10 11.43
N VAL B 269 27.28 -13.13 11.21
CA VAL B 269 27.70 -11.73 11.20
C VAL B 269 28.18 -11.31 12.59
N VAL B 270 27.50 -11.79 13.62
CA VAL B 270 27.87 -11.45 14.98
C VAL B 270 29.24 -12.04 15.34
N PHE B 271 29.48 -13.29 14.92
CA PHE B 271 30.77 -13.93 15.19
C PHE B 271 31.90 -13.19 14.48
N THR B 272 31.63 -12.73 13.26
CA THR B 272 32.63 -12.00 12.49
C THR B 272 33.00 -10.69 13.20
N ILE B 273 32.02 -10.02 13.78
CA ILE B 273 32.28 -8.78 14.48
C ILE B 273 33.09 -9.07 15.75
N CYS B 274 32.75 -10.15 16.44
CA CYS B 274 33.45 -10.54 17.65
C CYS B 274 34.92 -10.88 17.37
N ASP B 275 35.19 -11.57 16.27
CA ASP B 275 36.57 -11.93 15.94
C ASP B 275 37.38 -10.67 15.60
N LEU B 276 36.74 -9.72 14.94
CA LEU B 276 37.42 -8.48 14.57
C LEU B 276 37.80 -7.68 15.83
N LEU B 277 36.91 -7.66 16.83
CA LEU B 277 37.18 -6.92 18.05
C LEU B 277 38.21 -7.65 18.92
N ASP B 278 38.18 -8.98 18.90
CA ASP B 278 39.15 -9.76 19.67
C ASP B 278 40.55 -9.44 19.14
N GLU B 279 40.62 -9.17 17.84
CA GLU B 279 41.87 -8.85 17.17
C GLU B 279 42.33 -7.42 17.43
N ILE B 280 41.42 -6.47 17.22
CA ILE B 280 41.73 -5.05 17.37
C ILE B 280 41.71 -4.49 18.80
N VAL B 281 40.75 -4.91 19.61
CA VAL B 281 40.63 -4.42 20.98
C VAL B 281 40.58 -5.60 21.96
N PRO B 282 41.63 -6.43 21.98
CA PRO B 282 41.67 -7.60 22.86
C PRO B 282 41.50 -7.33 24.36
N LYS B 283 40.82 -8.25 25.04
CA LYS B 283 40.62 -8.14 26.48
C LYS B 283 40.69 -9.51 27.13
N ALA B 284 40.50 -9.55 28.45
CA ALA B 284 40.57 -10.79 29.21
C ALA B 284 39.85 -11.98 28.59
N THR B 285 38.60 -11.77 28.17
CA THR B 285 37.83 -12.84 27.55
C THR B 285 37.39 -12.46 26.15
N SER B 286 36.88 -13.44 25.41
CA SER B 286 36.41 -13.21 24.05
C SER B 286 35.07 -12.48 24.06
N TYR B 287 34.82 -11.65 23.05
CA TYR B 287 33.56 -10.92 22.95
C TYR B 287 32.40 -11.88 22.73
N ARG B 288 32.69 -13.07 22.21
CA ARG B 288 31.66 -14.09 21.97
C ARG B 288 30.86 -14.43 23.22
N GLU B 289 31.50 -14.32 24.38
CA GLU B 289 30.82 -14.65 25.64
C GLU B 289 29.62 -13.76 25.95
N GLN B 290 29.51 -12.64 25.25
CA GLN B 290 28.39 -11.73 25.46
C GLN B 290 27.16 -12.09 24.62
N ILE B 291 27.34 -13.00 23.66
CA ILE B 291 26.23 -13.41 22.79
C ILE B 291 25.11 -14.03 23.62
N THR B 292 23.88 -13.58 23.37
CA THR B 292 22.73 -14.09 24.11
C THR B 292 21.51 -14.31 23.21
N TYR B 293 20.85 -15.46 23.38
CA TYR B 293 19.66 -15.78 22.59
C TYR B 293 18.42 -15.25 23.30
N VAL B 294 17.65 -14.42 22.61
CA VAL B 294 16.44 -13.82 23.18
C VAL B 294 15.17 -14.14 22.38
N ALA B 295 14.01 -13.77 22.90
CA ALA B 295 12.74 -14.04 22.23
C ALA B 295 12.73 -13.45 20.81
N ASP B 296 12.26 -14.25 19.87
CA ASP B 296 12.21 -13.88 18.46
C ASP B 296 11.28 -12.70 18.16
N ARG B 297 11.52 -12.05 17.03
CA ARG B 297 10.70 -10.92 16.60
C ARG B 297 9.40 -11.47 15.99
N PRO B 298 8.25 -10.93 16.40
CA PRO B 298 6.95 -11.39 15.87
C PRO B 298 6.91 -11.22 14.34
N GLY B 299 6.45 -12.25 13.62
CA GLY B 299 6.38 -12.18 12.17
C GLY B 299 7.69 -12.07 11.41
N HIS B 300 8.80 -12.34 12.10
CA HIS B 300 10.15 -12.26 11.53
C HIS B 300 10.32 -12.92 10.15
N ASP B 301 10.83 -12.16 9.17
CA ASP B 301 11.07 -12.71 7.83
C ASP B 301 12.41 -13.45 7.93
N ARG B 302 12.43 -14.71 7.53
CA ARG B 302 13.64 -15.51 7.64
C ARG B 302 14.71 -15.39 6.56
N ARG B 303 14.39 -14.79 5.41
CA ARG B 303 15.41 -14.65 4.37
C ARG B 303 15.14 -13.63 3.26
N TYR B 304 16.10 -12.71 3.08
CA TYR B 304 16.04 -11.69 2.03
C TYR B 304 17.26 -11.88 1.15
N ALA B 305 17.08 -11.74 -0.16
CA ALA B 305 18.19 -11.87 -1.10
C ALA B 305 17.82 -11.18 -2.40
N ILE B 306 18.61 -10.18 -2.78
CA ILE B 306 18.37 -9.39 -3.98
C ILE B 306 19.13 -9.86 -5.24
N ASP B 307 18.45 -9.76 -6.38
CA ASP B 307 19.03 -10.08 -7.68
C ASP B 307 19.21 -8.70 -8.31
N ALA B 308 20.45 -8.21 -8.34
CA ALA B 308 20.74 -6.90 -8.90
C ALA B 308 21.17 -6.94 -10.36
N GLY B 309 20.81 -8.02 -11.05
CA GLY B 309 21.19 -8.14 -12.44
C GLY B 309 20.76 -6.98 -13.33
N LYS B 310 19.51 -6.55 -13.19
CA LYS B 310 19.00 -5.47 -14.01
C LYS B 310 19.79 -4.17 -13.97
N ILE B 311 19.98 -3.60 -12.77
CA ILE B 311 20.73 -2.34 -12.66
C ILE B 311 22.17 -2.52 -13.13
N SER B 312 22.65 -3.75 -13.07
CA SER B 312 24.01 -4.05 -13.48
C SER B 312 24.16 -3.98 -15.00
N ARG B 313 23.29 -4.65 -15.73
CA ARG B 313 23.37 -4.65 -17.18
C ARG B 313 22.82 -3.40 -17.85
N GLU B 314 21.98 -2.64 -17.15
CA GLU B 314 21.41 -1.44 -17.76
C GLU B 314 22.09 -0.13 -17.38
N LEU B 315 22.63 -0.05 -16.17
CA LEU B 315 23.32 1.16 -15.74
C LEU B 315 24.80 0.90 -15.49
N GLY B 316 25.17 -0.37 -15.45
CA GLY B 316 26.56 -0.74 -15.24
C GLY B 316 27.08 -0.57 -13.83
N TRP B 317 26.19 -0.64 -12.83
CA TRP B 317 26.61 -0.48 -11.44
C TRP B 317 27.03 -1.80 -10.78
N LYS B 318 28.09 -1.71 -9.98
CA LYS B 318 28.62 -2.86 -9.25
C LYS B 318 29.19 -2.35 -7.93
N PRO B 319 29.01 -3.12 -6.85
CA PRO B 319 29.54 -2.68 -5.55
C PRO B 319 31.07 -2.76 -5.54
N LEU B 320 31.72 -1.81 -4.88
CA LEU B 320 33.17 -1.79 -4.82
C LEU B 320 33.70 -2.60 -3.63
N GLU B 321 32.89 -2.72 -2.58
CA GLU B 321 33.29 -3.46 -1.38
C GLU B 321 32.78 -4.89 -1.41
N THR B 322 33.32 -5.71 -0.51
CA THR B 322 32.89 -7.09 -0.33
C THR B 322 32.46 -7.03 1.13
N PHE B 323 31.69 -8.00 1.60
CA PHE B 323 31.28 -7.92 3.00
C PHE B 323 32.52 -7.89 3.90
N GLU B 324 33.51 -8.68 3.55
CA GLU B 324 34.74 -8.76 4.33
C GLU B 324 35.44 -7.41 4.47
N SER B 325 35.64 -6.71 3.36
CA SER B 325 36.30 -5.40 3.39
C SER B 325 35.43 -4.34 4.05
N GLY B 326 34.13 -4.41 3.81
CA GLY B 326 33.22 -3.43 4.38
C GLY B 326 33.01 -3.55 5.87
N ILE B 327 32.90 -4.79 6.37
CA ILE B 327 32.67 -4.98 7.80
C ILE B 327 33.86 -4.52 8.65
N ARG B 328 35.07 -4.63 8.11
CA ARG B 328 36.26 -4.20 8.83
C ARG B 328 36.28 -2.67 8.88
N LYS B 329 35.91 -2.04 7.77
CA LYS B 329 35.87 -0.58 7.74
C LYS B 329 34.84 -0.06 8.75
N THR B 330 33.71 -0.77 8.85
CA THR B 330 32.65 -0.37 9.77
C THR B 330 33.13 -0.40 11.22
N VAL B 331 33.74 -1.52 11.62
CA VAL B 331 34.24 -1.66 12.97
C VAL B 331 35.29 -0.58 13.27
N GLU B 332 36.19 -0.33 12.32
CA GLU B 332 37.22 0.68 12.51
C GLU B 332 36.60 2.07 12.64
N TRP B 333 35.54 2.34 11.88
CA TRP B 333 34.89 3.64 11.94
C TRP B 333 34.32 3.94 13.32
N TYR B 334 33.63 2.97 13.92
CA TYR B 334 33.05 3.18 15.23
C TYR B 334 34.10 3.37 16.31
N LEU B 335 35.23 2.68 16.19
CA LEU B 335 36.31 2.82 17.15
C LEU B 335 36.91 4.23 17.09
N ALA B 336 36.94 4.80 15.89
CA ALA B 336 37.50 6.13 15.70
C ALA B 336 36.51 7.27 15.86
N ASN B 337 35.22 6.97 16.03
CA ASN B 337 34.22 8.01 16.14
C ASN B 337 33.35 8.02 17.38
N THR B 338 33.99 7.89 18.55
CA THR B 338 33.27 7.88 19.81
C THR B 338 32.50 9.20 20.03
N GLN B 339 33.03 10.30 19.51
CA GLN B 339 32.37 11.60 19.66
C GLN B 339 30.96 11.56 19.03
N TRP B 340 30.88 11.06 17.80
CA TRP B 340 29.59 10.97 17.11
C TRP B 340 28.65 10.03 17.86
N VAL B 341 29.18 8.89 18.31
CA VAL B 341 28.39 7.92 19.04
C VAL B 341 27.79 8.50 20.32
N ASN B 342 28.58 9.26 21.07
CA ASN B 342 28.08 9.83 22.32
C ASN B 342 27.01 10.89 22.09
N ASN B 343 27.10 11.62 21.00
CA ASN B 343 26.11 12.64 20.71
C ASN B 343 24.77 12.04 20.23
N VAL B 344 24.82 10.87 19.60
CA VAL B 344 23.58 10.25 19.12
C VAL B 344 22.85 9.48 20.22
N LYS B 345 23.60 8.88 21.15
CA LYS B 345 22.99 8.12 22.23
C LYS B 345 22.46 9.04 23.34
N SER B 346 21.15 9.29 23.31
CA SER B 346 20.51 10.16 24.29
C SER B 346 19.68 9.38 25.30
N GLY B 347 18.93 10.11 26.11
CA GLY B 347 18.07 9.48 27.11
C GLY B 347 16.94 8.75 26.43
N ALA B 348 16.52 9.26 25.27
CA ALA B 348 15.45 8.64 24.51
C ALA B 348 15.92 7.28 24.01
N TYR B 349 17.19 7.21 23.60
CA TYR B 349 17.76 5.97 23.10
C TYR B 349 17.70 4.88 24.17
N GLN B 350 18.09 5.23 25.39
CA GLN B 350 18.06 4.27 26.48
C GLN B 350 16.64 3.80 26.77
N SER B 351 15.67 4.68 26.57
CA SER B 351 14.27 4.32 26.79
C SER B 351 13.84 3.27 25.75
N TRP B 352 14.32 3.39 24.52
CA TRP B 352 13.98 2.43 23.48
C TRP B 352 14.61 1.08 23.81
N ILE B 353 15.86 1.11 24.25
CA ILE B 353 16.57 -0.11 24.61
C ILE B 353 15.82 -0.88 25.70
N GLU B 354 15.43 -0.17 26.76
CA GLU B 354 14.70 -0.82 27.86
C GLU B 354 13.39 -1.41 27.37
N GLN B 355 12.71 -0.65 26.52
CA GLN B 355 11.42 -1.07 25.97
C GLN B 355 11.49 -2.32 25.09
N ASN B 356 12.48 -2.38 24.20
CA ASN B 356 12.59 -3.51 23.29
C ASN B 356 13.39 -4.73 23.80
N TYR B 357 14.33 -4.51 24.72
CA TYR B 357 15.16 -5.62 25.20
C TYR B 357 14.97 -6.14 26.63
N GLU B 358 14.63 -5.29 27.59
CA GLU B 358 14.48 -5.80 28.95
C GLU B 358 13.08 -6.38 29.15
N GLY B 359 13.03 -7.61 29.69
CA GLY B 359 11.76 -8.26 29.91
C GLY B 359 11.14 -8.58 28.55
N ARG B 360 12.01 -8.74 27.56
CA ARG B 360 11.59 -9.01 26.20
C ARG B 360 10.67 -10.22 26.01
N GLN B 361 9.60 -9.99 25.27
CA GLN B 361 8.57 -10.98 24.95
C GLN B 361 8.42 -12.07 26.00
O6 DAU C . -13.48 -3.45 -10.73
C6 DAU C . -13.75 -3.11 -9.33
C5 DAU C . -14.06 -1.61 -9.21
O5 DAU C . -15.22 -1.31 -10.08
C4 DAU C . -14.35 -1.17 -7.75
O4 DAU C . -13.20 -1.43 -6.91
C3 DAU C . -14.68 0.32 -7.72
O3 DAU C . -14.94 0.72 -6.34
C2 DAU C . -15.88 0.57 -8.66
O2 DAU C . -16.19 1.99 -8.58
C1 DAU C . -15.57 0.10 -10.10
O1 DAU C . -14.49 0.79 -10.77
P2 DAU C . -14.55 1.20 -12.34
O3P DAU C . -13.62 2.31 -12.54
O4P DAU C . -14.32 0.07 -13.27
OPP DAU C . -16.06 1.60 -12.51
P DAU C . -16.80 2.82 -13.27
O1P DAU C . -18.23 2.59 -13.03
O2P DAU C . -16.38 4.17 -12.81
O5' DAU C . -16.33 2.63 -14.78
C5' DAU C . -16.60 1.40 -15.51
C4' DAU C . -16.09 1.55 -16.93
O4' DAU C . -16.98 2.49 -17.60
C3' DAU C . -14.67 2.10 -17.03
O3' DAU C . -13.95 1.36 -18.01
C2' DAU C . -14.90 3.54 -17.42
C1' DAU C . -16.27 3.55 -18.08
N11 DAU C . -17.09 4.76 -17.88
C61 DAU C . -17.43 5.17 -16.59
C51 DAU C . -18.17 6.25 -16.32
C5A DAU C . -18.48 6.61 -14.88
C21 DAU C . -17.53 5.50 -19.00
O21 DAU C . -17.26 5.21 -20.15
N31 DAU C . -18.28 6.62 -18.69
C41 DAU C . -18.66 7.07 -17.41
O41 DAU C . -19.34 8.08 -17.32
PA NAD D . -20.04 2.80 -1.88
O1A NAD D . -19.38 3.98 -2.51
O2A NAD D . -21.38 2.54 -2.56
O5B NAD D . -20.35 3.06 -0.32
C5B NAD D . -19.30 3.33 0.66
C4B NAD D . -19.90 3.31 1.88
O4B NAD D . -18.90 3.51 2.98
C3B NAD D . -20.97 4.41 2.08
O3B NAD D . -22.16 3.83 2.69
C2B NAD D . -20.20 5.44 2.92
O2B NAD D . -21.05 6.28 3.75
C1B NAD D . -19.29 4.59 3.78
N9A NAD D . -18.08 5.30 4.21
C8A NAD D . -17.18 6.06 3.53
N7A NAD D . -16.19 6.56 4.31
C5A NAD D . -16.49 6.08 5.58
C6A NAD D . -15.84 6.24 6.83
N6A NAD D . -14.72 6.98 6.99
N1A NAD D . -16.40 5.62 7.93
C2A NAD D . -17.56 4.87 7.76
N3A NAD D . -18.23 4.67 6.64
C4A NAD D . -17.63 5.31 5.56
O3 NAD D . -19.15 1.51 -2.05
PN NAD D . -19.61 0.18 -2.81
O1N NAD D . -19.07 -0.12 -4.19
O2N NAD D . -20.33 -0.88 -2.10
O5D NAD D . -18.24 -0.54 -2.30
C5D NAD D . -18.01 -1.00 -0.93
C4D NAD D . -16.67 -1.75 -0.80
O4D NAD D . -16.56 -2.76 -1.86
C3D NAD D . -15.39 -0.91 -0.95
O3D NAD D . -14.38 -1.19 0.03
C2D NAD D . -14.99 -1.19 -2.39
O2D NAD D . -13.58 -0.94 -2.58
C1D NAD D . -15.34 -2.60 -2.52
N1N NAD D . -15.48 -3.06 -3.89
C2N NAD D . -16.48 -2.50 -4.73
C3N NAD D . -16.70 -3.04 -6.00
C7N NAD D . -17.77 -2.46 -6.90
O7N NAD D . -17.90 -3.06 -8.12
N7N NAD D . -18.53 -1.44 -6.54
C4N NAD D . -15.88 -4.15 -6.45
C5N NAD D . -14.85 -4.64 -5.61
C6N NAD D . -14.65 -4.11 -4.34
O6 DAU E . 16.42 -5.02 3.98
C6 DAU E . 16.09 -3.58 3.95
C5 DAU E . 15.73 -3.13 5.37
O5 DAU E . 16.89 -3.42 6.27
C4 DAU E . 15.34 -1.62 5.45
O4 DAU E . 14.21 -1.34 4.60
C3 DAU E . 15.05 -1.23 6.89
O3 DAU E . 14.70 0.18 6.92
C2 DAU E . 16.27 -1.57 7.75
O2 DAU E . 15.97 -1.16 9.10
C1 DAU E . 16.64 -3.08 7.67
O1 DAU E . 15.63 -3.98 8.15
P2 DAU E . 15.98 -5.27 9.09
O3P DAU E . 14.76 -5.58 9.85
O4P DAU E . 16.50 -6.43 8.35
OPP DAU E . 17.19 -4.78 9.99
P DAU E . 17.53 -4.98 11.56
O1P DAU E . 18.81 -4.29 11.74
O2P DAU E . 16.49 -4.49 12.46
O5' DAU E . 17.61 -6.59 11.71
C5' DAU E . 18.56 -7.39 10.92
C4' DAU E . 18.46 -8.84 11.33
O4' DAU E . 19.04 -8.93 12.65
C3' DAU E . 17.02 -9.37 11.41
O3' DAU E . 16.98 -10.69 10.84
C2' DAU E . 16.76 -9.37 12.90
C1' DAU E . 18.14 -9.46 13.54
N11 DAU E . 18.30 -8.74 14.81
C61 DAU E . 18.11 -7.36 14.87
C51 DAU E . 18.25 -6.63 15.99
C5A DAU E . 18.03 -5.13 15.94
C21 DAU E . 18.63 -9.46 15.97
O21 DAU E . 18.80 -10.67 15.99
N31 DAU E . 18.75 -8.69 17.13
C41 DAU E . 18.59 -7.30 17.23
O41 DAU E . 18.73 -6.77 18.33
PA NAD F . 17.09 6.47 8.97
O1A NAD F . 16.27 5.88 10.07
O2A NAD F . 18.55 6.35 9.31
O5B NAD F . 16.78 8.03 8.76
C5B NAD F . 15.46 8.53 8.41
C4B NAD F . 15.62 9.86 8.20
O4B NAD F . 14.36 10.52 7.76
C3B NAD F . 16.10 10.65 9.44
O3B NAD F . 17.19 11.55 9.08
C2B NAD F . 14.77 11.30 9.91
O2B NAD F . 14.94 12.53 10.67
C1B NAD F . 14.06 11.59 8.61
N9A NAD F . 12.61 11.65 8.77
C8A NAD F . 11.72 10.79 9.39
N7A NAD F . 10.44 11.22 9.33
C5A NAD F . 10.51 12.41 8.63
C6A NAD F . 9.51 13.35 8.22
N6A NAD F . 8.20 13.19 8.50
N1A NAD F . 9.92 14.46 7.52
C2A NAD F . 11.27 14.63 7.24
N3A NAD F . 12.27 13.82 7.56
C4A NAD F . 11.82 12.71 8.27
O3 NAD F . 16.84 5.69 7.62
PN NAD F . 17.96 4.96 6.77
O1N NAD F . 17.97 3.46 6.70
O2N NAD F . 18.81 5.70 5.85
O5D NAD F . 16.89 4.84 5.54
C5D NAD F . 16.50 5.95 4.68
C4D NAD F . 15.57 5.44 3.52
O4D NAD F . 16.15 4.23 2.97
C3D NAD F . 14.12 5.02 3.92
O3D NAD F . 13.09 5.47 3.02
C2D NAD F . 14.26 3.51 4.04
O2D NAD F . 12.97 2.89 3.86
C1D NAD F . 15.18 3.24 2.95
N1N NAD F . 15.87 1.98 2.99
C2N NAD F . 16.68 1.61 4.10
C3N NAD F . 17.54 0.51 3.98
C7N NAD F . 18.44 0.13 5.13
O7N NAD F . 19.25 -0.96 4.94
N7N NAD F . 18.44 0.81 6.27
C4N NAD F . 17.53 -0.28 2.77
C5N NAD F . 16.62 0.07 1.72
C6N NAD F . 15.80 1.18 1.85
#